data_8U7G
#
_entry.id   8U7G
#
_cell.length_a   52.800
_cell.length_b   102.188
_cell.length_c   97.542
_cell.angle_alpha   90.000
_cell.angle_beta   104.690
_cell.angle_gamma   90.000
#
_symmetry.space_group_name_H-M   'P 1 21 1'
#
loop_
_entity.id
_entity.type
_entity.pdbx_description
1 polymer 'CIB_13 Beta-galactosidase'
2 non-polymer GLYCEROL
3 non-polymer 2-AMINO-2-HYDROXYMETHYL-PROPANE-1,3-DIOL
4 water water
#
_entity_poly.entity_id   1
_entity_poly.type   'polypeptide(L)'
_entity_poly.pdbx_seq_one_letter_code
;GMLPKGFRFGFSLAGFQSEMGLSGKDENSDWYQWCHDEYNIKNGVVSGDFPENGAAYWDLFRKDHETAVNIGMNSTRIGI
EWSRIFPTSTEGVKVRIDRDGDNITGITIEKSDLESLKKICNMDAVKKYREIFMDLKDRNFYMILNLFHWSMPLWINDPR
KREISKGNNLGNFFSEKSVIEFAKFAAFAAYSFDDLVDVYSTMNEPNVVFSGGNNNSEKKYYSKMKFFIEAHARAYDCIR
TISRKRIGVIYANEHIESLENSDPELVEEVTWRNRYSFIDSIKSGKTFSTKNMEENSRWPEKNVFRKDLENRLDWIGVNY
YSRYVVRRIESGFEAIDGYGFLCSGYEKSKDGRVVSEMGWEIYPQGLYDVLMGYQERYSLPMMVTENGIADDMDRYRPGF
LISHMKMIERAIKDGAGVEGYLHWSLTDNFEWSSGFSKKFGLLRVDYRTKKRSIRPSALVFREISKKSGVPEELEWLGER
FY
;
_entity_poly.pdbx_strand_id   A,B
#
loop_
_chem_comp.id
_chem_comp.type
_chem_comp.name
_chem_comp.formula
GOL non-polymer GLYCEROL 'C3 H8 O3'
TRS non-polymer 2-AMINO-2-HYDROXYMETHYL-PROPANE-1,3-DIOL 'C4 H12 N O3 1'
#
# COMPACT_ATOMS: atom_id res chain seq x y z
N GLY A 1 38.48 0.29 -6.82
CA GLY A 1 37.32 -0.33 -6.23
C GLY A 1 37.55 -1.76 -5.78
N MET A 2 37.72 -1.95 -4.48
CA MET A 2 37.95 -3.29 -3.95
C MET A 2 36.65 -4.10 -3.96
N LEU A 3 35.59 -3.55 -3.38
CA LEU A 3 34.35 -4.27 -3.24
C LEU A 3 33.70 -4.49 -4.61
N PRO A 4 33.01 -5.62 -4.79
CA PRO A 4 32.34 -5.87 -6.08
C PRO A 4 31.33 -4.78 -6.39
N LYS A 5 31.19 -4.48 -7.68
CA LYS A 5 30.19 -3.51 -8.10
C LYS A 5 28.80 -4.03 -7.77
N GLY A 6 27.95 -3.14 -7.28
CA GLY A 6 26.66 -3.52 -6.74
C GLY A 6 26.66 -3.78 -5.25
N PHE A 7 27.82 -3.76 -4.60
CA PHE A 7 27.88 -3.89 -3.15
C PHE A 7 27.04 -2.80 -2.50
N ARG A 8 26.16 -3.21 -1.59
CA ARG A 8 25.18 -2.31 -1.03
C ARG A 8 25.77 -1.53 0.14
N PHE A 9 25.61 -0.22 0.09
CA PHE A 9 25.96 0.67 1.21
C PHE A 9 24.68 1.29 1.74
N GLY A 10 24.51 1.26 3.05
CA GLY A 10 23.29 1.82 3.62
C GLY A 10 23.24 1.87 5.14
N PHE A 11 22.01 1.87 5.67
CA PHE A 11 21.78 2.05 7.10
C PHE A 11 20.64 1.15 7.55
N SER A 12 20.70 0.77 8.81
CA SER A 12 19.63 0.00 9.45
C SER A 12 18.87 0.90 10.41
N LEU A 13 17.57 0.62 10.56
CA LEU A 13 16.70 1.43 11.39
C LEU A 13 15.69 0.54 12.09
N ALA A 14 15.51 0.74 13.39
CA ALA A 14 14.47 0.09 14.15
C ALA A 14 13.34 1.08 14.40
N GLY A 15 12.11 0.64 14.14
CA GLY A 15 10.97 1.55 14.26
C GLY A 15 10.88 2.17 15.65
N PHE A 16 10.93 1.34 16.69
CA PHE A 16 10.81 1.84 18.05
C PHE A 16 11.91 2.85 18.39
N GLN A 17 13.09 2.69 17.81
CA GLN A 17 14.23 3.52 18.20
C GLN A 17 14.25 4.87 17.50
N SER A 18 13.56 5.03 16.37
CA SER A 18 13.69 6.24 15.58
C SER A 18 12.38 6.91 15.19
N GLU A 19 11.23 6.24 15.32
CA GLU A 19 10.00 6.75 14.70
C GLU A 19 9.44 7.94 15.49
N MET A 20 9.26 7.79 16.79
CA MET A 20 8.56 8.80 17.56
C MET A 20 9.42 10.05 17.76
N GLY A 21 8.76 11.16 18.04
CA GLY A 21 9.42 12.43 18.24
C GLY A 21 8.50 13.61 17.98
N LEU A 22 7.69 13.51 16.93
CA LEU A 22 6.70 14.52 16.64
C LEU A 22 5.30 13.92 16.69
N SER A 23 4.82 13.39 15.57
CA SER A 23 3.51 12.77 15.50
C SER A 23 3.65 11.25 15.61
N GLY A 24 2.50 10.57 15.60
CA GLY A 24 2.47 9.12 15.59
C GLY A 24 3.02 8.46 16.83
N LYS A 25 2.65 8.94 18.02
CA LYS A 25 3.12 8.32 19.24
C LYS A 25 2.47 6.96 19.44
N ASP A 26 3.28 5.97 19.83
CA ASP A 26 2.83 4.59 19.99
C ASP A 26 3.10 4.16 21.43
N GLU A 27 2.06 4.15 22.26
CA GLU A 27 2.14 3.69 23.63
C GLU A 27 1.74 2.22 23.78
N ASN A 28 1.61 1.49 22.67
CA ASN A 28 1.06 0.15 22.68
C ASN A 28 2.13 -0.94 22.61
N SER A 29 3.39 -0.60 22.84
CA SER A 29 4.46 -1.58 22.85
C SER A 29 4.87 -1.92 24.28
N ASP A 30 5.34 -3.15 24.46
CA ASP A 30 5.84 -3.55 25.78
C ASP A 30 7.12 -2.79 26.13
N TRP A 31 7.93 -2.46 25.12
CA TRP A 31 9.15 -1.71 25.40
C TRP A 31 8.84 -0.27 25.79
N TYR A 32 7.81 0.33 25.18
CA TYR A 32 7.39 1.66 25.59
C TYR A 32 7.03 1.68 27.07
N GLN A 33 6.26 0.68 27.53
CA GLN A 33 5.90 0.61 28.94
C GLN A 33 7.11 0.27 29.80
N TRP A 34 8.03 -0.54 29.28
CA TRP A 34 9.25 -0.87 30.02
C TRP A 34 10.05 0.40 30.33
N CYS A 35 10.08 1.35 29.41
CA CYS A 35 10.84 2.58 29.62
C CYS A 35 10.12 3.54 30.55
N HIS A 36 8.80 3.49 30.62
CA HIS A 36 8.02 4.33 31.51
C HIS A 36 7.74 3.68 32.85
N ASP A 37 8.36 2.53 33.13
CA ASP A 37 8.07 1.79 34.35
C ASP A 37 8.62 2.51 35.57
N GLU A 38 7.80 2.57 36.63
CA GLU A 38 8.21 3.25 37.85
C GLU A 38 9.38 2.55 38.52
N TYR A 39 9.28 1.23 38.72
CA TYR A 39 10.36 0.49 39.36
C TYR A 39 11.64 0.53 38.52
N ASN A 40 11.50 0.38 37.20
CA ASN A 40 12.67 0.34 36.33
C ASN A 40 13.45 1.64 36.40
N ILE A 41 12.75 2.78 36.48
CA ILE A 41 13.42 4.07 36.51
C ILE A 41 14.09 4.31 37.86
N LYS A 42 13.38 3.99 38.95
CA LYS A 42 13.92 4.24 40.28
C LYS A 42 15.15 3.38 40.56
N ASN A 43 15.20 2.17 40.02
CA ASN A 43 16.28 1.23 40.30
C ASN A 43 17.34 1.20 39.20
N GLY A 44 17.33 2.18 38.30
CA GLY A 44 18.36 2.24 37.27
C GLY A 44 18.32 1.14 36.25
N VAL A 45 17.18 0.46 36.10
CA VAL A 45 17.07 -0.57 35.07
C VAL A 45 16.96 0.06 33.69
N VAL A 46 16.31 1.22 33.60
CA VAL A 46 16.28 2.02 32.38
C VAL A 46 16.76 3.42 32.70
N SER A 47 16.94 4.22 31.65
CA SER A 47 17.59 5.53 31.80
C SER A 47 16.64 6.62 32.28
N GLY A 48 15.33 6.45 32.12
CA GLY A 48 14.39 7.52 32.35
C GLY A 48 14.09 8.35 31.11
N ASP A 49 14.89 8.21 30.06
CA ASP A 49 14.56 8.83 28.78
C ASP A 49 13.34 8.14 28.19
N PHE A 50 12.58 8.90 27.40
CA PHE A 50 11.31 8.41 26.90
C PHE A 50 11.34 8.30 25.38
N PRO A 51 10.87 7.19 24.81
CA PRO A 51 11.00 6.99 23.35
C PRO A 51 10.20 8.00 22.54
N GLU A 52 9.12 8.56 23.09
CA GLU A 52 8.30 9.50 22.35
C GLU A 52 9.00 10.83 22.10
N ASN A 53 10.16 11.07 22.70
CA ASN A 53 10.95 12.27 22.48
C ASN A 53 12.14 12.01 21.55
N GLY A 54 11.95 11.18 20.54
CA GLY A 54 13.03 10.65 19.74
C GLY A 54 13.28 11.41 18.45
N ALA A 55 13.86 10.71 17.47
CA ALA A 55 14.36 11.32 16.24
C ALA A 55 13.26 11.68 15.25
N ALA A 56 12.02 11.23 15.48
CA ALA A 56 10.86 11.65 14.69
C ALA A 56 10.97 11.23 13.23
N TYR A 57 11.54 10.05 13.00
CA TYR A 57 11.60 9.49 11.65
C TYR A 57 10.21 9.24 11.07
N TRP A 58 9.20 9.09 11.93
CA TRP A 58 7.82 8.94 11.47
C TRP A 58 7.39 10.08 10.57
N ASP A 59 7.94 11.28 10.78
CA ASP A 59 7.61 12.45 9.97
C ASP A 59 8.75 12.95 9.10
N LEU A 60 10.01 12.67 9.48
CA LEU A 60 11.17 13.23 8.81
C LEU A 60 11.85 12.23 7.88
N PHE A 61 11.16 11.15 7.51
CA PHE A 61 11.82 10.08 6.76
C PHE A 61 12.28 10.56 5.38
N ARG A 62 11.51 11.44 4.74
CA ARG A 62 11.92 11.96 3.44
C ARG A 62 13.22 12.74 3.55
N LYS A 63 13.37 13.53 4.62
CA LYS A 63 14.61 14.27 4.84
C LYS A 63 15.78 13.32 5.10
N ASP A 64 15.56 12.28 5.90
CA ASP A 64 16.63 11.33 6.20
C ASP A 64 17.00 10.50 4.99
N HIS A 65 16.02 10.17 4.13
CA HIS A 65 16.32 9.37 2.95
C HIS A 65 17.18 10.15 1.96
N GLU A 66 16.87 11.43 1.75
CA GLU A 66 17.68 12.25 0.87
C GLU A 66 19.10 12.42 1.40
N THR A 67 19.23 12.61 2.72
CA THR A 67 20.56 12.71 3.31
C THR A 67 21.33 11.40 3.14
N ALA A 68 20.64 10.26 3.25
CA ALA A 68 21.28 8.97 2.99
C ALA A 68 21.80 8.90 1.57
N VAL A 69 20.99 9.32 0.60
CA VAL A 69 21.44 9.38 -0.79
C VAL A 69 22.68 10.26 -0.90
N ASN A 70 22.66 11.42 -0.23
CA ASN A 70 23.74 12.38 -0.37
C ASN A 70 25.06 11.88 0.22
N ILE A 71 25.02 10.88 1.09
CA ILE A 71 26.24 10.28 1.60
C ILE A 71 26.48 8.90 0.98
N GLY A 72 25.91 8.65 -0.20
CA GLY A 72 26.26 7.48 -0.98
C GLY A 72 25.58 6.19 -0.60
N MET A 73 24.39 6.26 -0.01
CA MET A 73 23.66 5.07 0.43
C MET A 73 22.67 4.65 -0.66
N ASN A 74 22.64 3.35 -0.95
CA ASN A 74 21.75 2.80 -1.97
C ASN A 74 20.89 1.66 -1.43
N SER A 75 20.90 1.41 -0.13
CA SER A 75 20.12 0.32 0.45
C SER A 75 19.81 0.65 1.90
N THR A 76 18.87 -0.09 2.46
CA THR A 76 18.47 0.13 3.85
C THR A 76 17.69 -1.07 4.36
N ARG A 77 17.73 -1.23 5.68
CA ARG A 77 16.87 -2.18 6.39
C ARG A 77 16.01 -1.36 7.34
N ILE A 78 14.69 -1.49 7.20
CA ILE A 78 13.73 -0.77 8.03
C ILE A 78 12.92 -1.78 8.82
N GLY A 79 12.77 -1.54 10.12
CA GLY A 79 11.98 -2.39 10.97
C GLY A 79 10.61 -1.80 11.22
N ILE A 80 9.58 -2.55 10.85
CA ILE A 80 8.20 -2.17 11.15
C ILE A 80 7.86 -2.63 12.55
N GLU A 81 6.81 -2.06 13.12
CA GLU A 81 6.44 -2.31 14.51
C GLU A 81 5.10 -3.05 14.56
N TRP A 82 5.13 -4.26 15.13
CA TRP A 82 3.94 -5.07 15.31
C TRP A 82 2.87 -4.32 16.09
N SER A 83 3.28 -3.50 17.07
CA SER A 83 2.33 -2.76 17.89
C SER A 83 1.63 -1.65 17.11
N ARG A 84 2.23 -1.16 16.03
CA ARG A 84 1.59 -0.13 15.23
C ARG A 84 0.57 -0.71 14.27
N ILE A 85 0.92 -1.81 13.60
CA ILE A 85 0.06 -2.35 12.55
C ILE A 85 -1.13 -3.10 13.15
N PHE A 86 -0.95 -3.77 14.28
CA PHE A 86 -2.04 -4.44 15.00
C PHE A 86 -2.08 -3.90 16.42
N PRO A 87 -2.68 -2.72 16.62
CA PRO A 87 -2.79 -2.19 17.99
C PRO A 87 -3.65 -3.04 18.90
N THR A 88 -4.60 -3.78 18.33
CA THR A 88 -5.48 -4.65 19.09
C THR A 88 -5.28 -6.10 18.65
N SER A 89 -5.84 -7.02 19.42
CA SER A 89 -5.56 -8.44 19.23
C SER A 89 -6.09 -8.95 17.89
N THR A 90 -5.34 -9.88 17.30
CA THR A 90 -5.76 -10.59 16.11
C THR A 90 -6.15 -12.04 16.42
N GLU A 91 -6.33 -12.37 17.71
CA GLU A 91 -6.70 -13.73 18.08
C GLU A 91 -8.03 -14.14 17.50
N GLY A 92 -8.94 -13.18 17.28
CA GLY A 92 -10.26 -13.48 16.76
C GLY A 92 -10.26 -14.01 15.34
N VAL A 93 -9.17 -13.81 14.60
CA VAL A 93 -9.04 -14.35 13.24
C VAL A 93 -8.49 -15.77 13.38
N LYS A 94 -9.38 -16.75 13.23
CA LYS A 94 -9.01 -18.14 13.45
C LYS A 94 -8.35 -18.70 12.19
N VAL A 95 -7.13 -19.20 12.34
CA VAL A 95 -6.38 -19.80 11.25
C VAL A 95 -6.03 -21.24 11.65
N ARG A 96 -5.46 -21.97 10.69
CA ARG A 96 -5.08 -23.36 10.90
C ARG A 96 -3.67 -23.44 11.48
N ILE A 97 -3.52 -24.18 12.58
CA ILE A 97 -2.23 -24.39 13.23
C ILE A 97 -2.06 -25.90 13.40
N ASP A 98 -1.08 -26.46 12.70
CA ASP A 98 -0.78 -27.89 12.81
C ASP A 98 0.28 -28.10 13.89
N ARG A 99 0.08 -29.14 14.70
CA ARG A 99 0.99 -29.45 15.79
C ARG A 99 1.31 -30.94 15.81
N ASP A 100 2.58 -31.26 16.08
CA ASP A 100 3.04 -32.63 16.32
C ASP A 100 3.56 -32.64 17.75
N GLY A 101 2.65 -32.89 18.70
CA GLY A 101 3.00 -32.75 20.10
C GLY A 101 3.11 -31.29 20.48
N ASP A 102 4.29 -30.89 20.98
CA ASP A 102 4.56 -29.49 21.29
C ASP A 102 5.23 -28.76 20.14
N ASN A 103 5.49 -29.43 19.02
CA ASN A 103 6.10 -28.80 17.86
C ASN A 103 5.02 -28.11 17.03
N ILE A 104 5.17 -26.80 16.81
CA ILE A 104 4.29 -26.05 15.92
C ILE A 104 4.86 -26.22 14.52
N THR A 105 4.33 -27.20 13.78
CA THR A 105 4.90 -27.60 12.51
C THR A 105 4.27 -26.91 11.30
N GLY A 106 3.23 -26.11 11.50
CA GLY A 106 2.61 -25.44 10.37
C GLY A 106 1.52 -24.44 10.75
N ILE A 107 1.48 -23.33 10.02
CA ILE A 107 0.42 -22.34 10.13
C ILE A 107 0.05 -21.89 8.74
N THR A 108 -1.25 -21.88 8.44
CA THR A 108 -1.76 -21.58 7.10
C THR A 108 -2.67 -20.37 7.17
N ILE A 109 -2.37 -19.35 6.36
CA ILE A 109 -3.18 -18.14 6.26
C ILE A 109 -3.79 -18.11 4.86
N GLU A 110 -5.10 -17.93 4.80
CA GLU A 110 -5.83 -17.87 3.53
C GLU A 110 -6.15 -16.42 3.17
N LYS A 111 -6.59 -16.23 1.92
CA LYS A 111 -6.84 -14.88 1.42
C LYS A 111 -7.94 -14.19 2.23
N SER A 112 -8.99 -14.93 2.60
CA SER A 112 -10.04 -14.34 3.42
C SER A 112 -9.53 -13.96 4.80
N ASP A 113 -8.55 -14.71 5.33
CA ASP A 113 -7.94 -14.34 6.60
C ASP A 113 -7.19 -13.01 6.47
N LEU A 114 -6.50 -12.82 5.35
CA LEU A 114 -5.80 -11.55 5.12
C LEU A 114 -6.77 -10.38 5.03
N GLU A 115 -7.97 -10.61 4.48
CA GLU A 115 -8.97 -9.55 4.44
C GLU A 115 -9.53 -9.27 5.83
N SER A 116 -9.75 -10.32 6.62
CA SER A 116 -10.22 -10.13 7.99
C SER A 116 -9.16 -9.44 8.85
N LEU A 117 -7.89 -9.75 8.60
CA LEU A 117 -6.83 -9.07 9.32
C LEU A 117 -6.73 -7.60 8.93
N LYS A 118 -6.99 -7.30 7.65
CA LYS A 118 -6.97 -5.91 7.20
C LYS A 118 -8.08 -5.09 7.85
N LYS A 119 -9.20 -5.73 8.19
CA LYS A 119 -10.32 -5.01 8.80
C LYS A 119 -9.96 -4.50 10.19
N ILE A 120 -9.15 -5.24 10.95
CA ILE A 120 -8.81 -4.86 12.31
C ILE A 120 -7.43 -4.23 12.43
N CYS A 121 -6.69 -4.11 11.33
CA CYS A 121 -5.39 -3.49 11.38
C CYS A 121 -5.51 -1.98 11.47
N ASN A 122 -4.38 -1.32 11.71
CA ASN A 122 -4.30 0.14 11.72
C ASN A 122 -3.93 0.56 10.31
N MET A 123 -4.94 0.97 9.53
CA MET A 123 -4.69 1.37 8.14
C MET A 123 -3.79 2.59 8.06
N ASP A 124 -3.82 3.46 9.08
CA ASP A 124 -2.96 4.63 9.09
C ASP A 124 -1.48 4.23 9.16
N ALA A 125 -1.18 3.18 9.93
CA ALA A 125 0.21 2.73 10.03
C ALA A 125 0.65 2.04 8.74
N VAL A 126 -0.23 1.27 8.11
CA VAL A 126 0.10 0.63 6.84
C VAL A 126 0.38 1.69 5.77
N LYS A 127 -0.47 2.72 5.71
CA LYS A 127 -0.29 3.75 4.69
C LYS A 127 1.00 4.52 4.91
N LYS A 128 1.33 4.85 6.16
CA LYS A 128 2.58 5.56 6.43
C LYS A 128 3.79 4.71 6.08
N TYR A 129 3.77 3.43 6.45
CA TYR A 129 4.87 2.54 6.09
C TYR A 129 4.99 2.40 4.58
N ARG A 130 3.84 2.36 3.88
CA ARG A 130 3.88 2.35 2.42
C ARG A 130 4.45 3.64 1.87
N GLU A 131 4.11 4.78 2.51
CA GLU A 131 4.72 6.05 2.12
C GLU A 131 6.23 6.02 2.32
N ILE A 132 6.68 5.46 3.45
CA ILE A 132 8.11 5.36 3.72
C ILE A 132 8.79 4.45 2.68
N PHE A 133 8.17 3.31 2.39
CA PHE A 133 8.77 2.36 1.46
C PHE A 133 8.71 2.86 0.02
N MET A 134 7.66 3.61 -0.33
CA MET A 134 7.57 4.17 -1.67
C MET A 134 8.61 5.26 -1.89
N ASP A 135 8.85 6.08 -0.86
CA ASP A 135 9.91 7.09 -0.95
C ASP A 135 11.27 6.43 -1.14
N LEU A 136 11.50 5.30 -0.47
CA LEU A 136 12.75 4.58 -0.65
C LEU A 136 12.87 4.03 -2.06
N LYS A 137 11.77 3.51 -2.62
CA LYS A 137 11.80 3.03 -3.99
C LYS A 137 11.94 4.18 -4.99
N ASP A 138 11.43 5.36 -4.65
CA ASP A 138 11.62 6.52 -5.50
C ASP A 138 13.09 6.90 -5.59
N ARG A 139 13.87 6.62 -4.55
CA ARG A 139 15.28 6.95 -4.50
C ARG A 139 16.17 5.73 -4.79
N ASN A 140 15.59 4.67 -5.37
CA ASN A 140 16.34 3.50 -5.83
C ASN A 140 17.08 2.83 -4.67
N PHE A 141 16.35 2.53 -3.61
CA PHE A 141 16.90 1.90 -2.42
C PHE A 141 16.58 0.40 -2.43
N TYR A 142 17.62 -0.42 -2.28
CA TYR A 142 17.41 -1.82 -1.94
C TYR A 142 16.87 -1.90 -0.52
N MET A 143 15.68 -2.49 -0.37
CA MET A 143 14.92 -2.38 0.88
C MET A 143 14.81 -3.74 1.54
N ILE A 144 15.33 -3.85 2.77
CA ILE A 144 15.18 -5.04 3.60
C ILE A 144 14.09 -4.75 4.63
N LEU A 145 13.00 -5.51 4.57
CA LEU A 145 11.91 -5.36 5.52
C LEU A 145 12.13 -6.31 6.69
N ASN A 146 12.39 -5.76 7.87
CA ASN A 146 12.52 -6.53 9.10
C ASN A 146 11.20 -6.45 9.87
N LEU A 147 10.62 -7.61 10.16
CA LEU A 147 9.28 -7.65 10.75
C LEU A 147 9.31 -7.33 12.24
N PHE A 148 10.25 -7.92 12.97
CA PHE A 148 10.24 -7.92 14.42
C PHE A 148 11.57 -7.41 14.96
N HIS A 149 11.51 -6.55 15.98
CA HIS A 149 12.70 -5.97 16.60
C HIS A 149 12.42 -5.78 18.09
N TRP A 150 12.35 -6.90 18.81
CA TRP A 150 12.25 -6.97 20.27
C TRP A 150 10.90 -6.53 20.81
N SER A 151 10.42 -5.35 20.42
CA SER A 151 9.20 -4.80 21.00
C SER A 151 7.97 -5.51 20.46
N MET A 152 7.02 -5.79 21.35
CA MET A 152 5.80 -6.50 21.05
C MET A 152 4.58 -5.66 21.40
N PRO A 153 3.42 -5.94 20.81
CA PRO A 153 2.19 -5.29 21.25
C PRO A 153 1.87 -5.64 22.70
N LEU A 154 1.22 -4.70 23.39
CA LEU A 154 0.86 -4.93 24.79
C LEU A 154 -0.07 -6.11 24.94
N TRP A 155 -0.97 -6.34 23.97
CA TRP A 155 -1.85 -7.49 24.03
C TRP A 155 -1.12 -8.81 23.75
N ILE A 156 0.14 -8.74 23.33
CA ILE A 156 0.99 -9.93 23.25
C ILE A 156 1.80 -10.11 24.52
N ASN A 157 2.44 -9.03 24.98
CA ASN A 157 3.22 -9.04 26.21
C ASN A 157 3.03 -7.70 26.91
N ASP A 158 2.53 -7.75 28.14
CA ASP A 158 2.28 -6.55 28.92
C ASP A 158 3.12 -6.58 30.20
N PRO A 159 4.19 -5.79 30.28
CA PRO A 159 5.02 -5.80 31.51
C PRO A 159 4.38 -5.10 32.68
N ARG A 160 3.31 -4.32 32.48
CA ARG A 160 2.65 -3.65 33.60
C ARG A 160 2.03 -4.66 34.55
N LYS A 161 1.51 -5.76 34.01
CA LYS A 161 0.90 -6.79 34.86
C LYS A 161 1.93 -7.57 35.66
N ARG A 162 3.17 -7.61 35.19
CA ARG A 162 4.21 -8.38 35.88
C ARG A 162 4.39 -7.90 37.30
N GLU A 163 4.85 -8.81 38.16
CA GLU A 163 5.21 -8.49 39.53
C GLU A 163 6.69 -8.77 39.72
N ILE A 164 7.39 -7.83 40.36
CA ILE A 164 8.84 -7.91 40.47
C ILE A 164 9.28 -9.03 41.41
N SER A 165 8.36 -9.55 42.22
CA SER A 165 8.68 -10.67 43.11
C SER A 165 9.30 -11.85 42.37
N LYS A 166 8.89 -12.09 41.12
CA LYS A 166 9.37 -13.22 40.33
C LYS A 166 10.41 -12.81 39.30
N GLY A 167 11.24 -11.82 39.60
CA GLY A 167 12.28 -11.39 38.68
C GLY A 167 11.84 -10.29 37.74
N ASN A 168 12.61 -9.22 37.66
CA ASN A 168 12.28 -8.06 36.82
C ASN A 168 12.76 -8.34 35.40
N ASN A 169 11.86 -8.90 34.59
CA ASN A 169 12.15 -9.22 33.20
C ASN A 169 11.06 -8.64 32.31
N LEU A 170 11.49 -8.16 31.13
CA LEU A 170 10.53 -7.61 30.17
C LEU A 170 9.54 -8.67 29.70
N GLY A 171 10.03 -9.88 29.47
CA GLY A 171 9.15 -10.97 29.07
C GLY A 171 8.73 -10.97 27.62
N ASN A 172 9.51 -10.35 26.74
CA ASN A 172 9.16 -10.27 25.33
C ASN A 172 9.66 -11.48 24.54
N PHE A 173 9.31 -12.68 25.01
CA PHE A 173 9.70 -13.91 24.34
C PHE A 173 8.45 -14.65 23.86
N PHE A 174 8.66 -15.58 22.93
CA PHE A 174 7.56 -16.23 22.23
C PHE A 174 7.05 -17.44 23.00
N SER A 175 5.74 -17.67 22.89
CA SER A 175 5.07 -18.90 23.28
C SER A 175 4.27 -19.38 22.08
N GLU A 176 3.50 -20.46 22.27
CA GLU A 176 2.68 -20.96 21.16
C GLU A 176 1.66 -19.91 20.73
N LYS A 177 1.00 -19.26 21.69
CA LYS A 177 0.07 -18.19 21.37
C LYS A 177 0.74 -17.09 20.56
N SER A 178 1.96 -16.70 20.98
CA SER A 178 2.66 -15.62 20.29
C SER A 178 3.06 -16.03 18.87
N VAL A 179 3.45 -17.29 18.69
CA VAL A 179 3.89 -17.75 17.37
C VAL A 179 2.74 -17.70 16.38
N ILE A 180 1.54 -18.07 16.82
CA ILE A 180 0.38 -18.06 15.93
C ILE A 180 0.08 -16.64 15.46
N GLU A 181 -0.01 -15.69 16.40
CA GLU A 181 -0.29 -14.31 16.03
C GLU A 181 0.86 -13.71 15.24
N PHE A 182 2.09 -14.17 15.49
CA PHE A 182 3.23 -13.67 14.72
C PHE A 182 3.15 -14.11 13.26
N ALA A 183 2.68 -15.33 13.01
CA ALA A 183 2.52 -15.80 11.64
C ALA A 183 1.48 -14.97 10.90
N LYS A 184 0.38 -14.61 11.59
CA LYS A 184 -0.60 -13.72 10.98
C LYS A 184 0.01 -12.35 10.68
N PHE A 185 0.84 -11.84 11.60
CA PHE A 185 1.49 -10.55 11.38
C PHE A 185 2.47 -10.63 10.21
N ALA A 186 3.23 -11.73 10.12
CA ALA A 186 4.16 -11.90 9.02
C ALA A 186 3.41 -12.00 7.69
N ALA A 187 2.33 -12.77 7.65
CA ALA A 187 1.55 -12.90 6.43
C ALA A 187 0.95 -11.55 6.02
N PHE A 188 0.41 -10.80 6.99
CA PHE A 188 -0.23 -9.54 6.65
C PHE A 188 0.80 -8.52 6.15
N ALA A 189 1.99 -8.51 6.73
CA ALA A 189 3.01 -7.56 6.30
C ALA A 189 3.44 -7.83 4.87
N ALA A 190 3.62 -9.11 4.52
CA ALA A 190 3.90 -9.46 3.13
C ALA A 190 2.72 -9.12 2.23
N TYR A 191 1.51 -9.37 2.71
CA TYR A 191 0.32 -8.98 1.96
C TYR A 191 0.23 -7.47 1.78
N SER A 192 0.83 -6.71 2.69
CA SER A 192 0.69 -5.26 2.69
C SER A 192 1.81 -4.53 1.96
N PHE A 193 3.03 -5.06 1.98
CA PHE A 193 4.19 -4.31 1.52
C PHE A 193 5.05 -5.01 0.47
N ASP A 194 4.65 -6.18 -0.02
CA ASP A 194 5.57 -6.99 -0.83
C ASP A 194 5.99 -6.27 -2.11
N ASP A 195 5.09 -5.51 -2.71
CA ASP A 195 5.44 -4.78 -3.93
C ASP A 195 6.40 -3.63 -3.67
N LEU A 196 6.75 -3.35 -2.42
CA LEU A 196 7.63 -2.25 -2.07
C LEU A 196 8.94 -2.70 -1.43
N VAL A 197 9.08 -3.97 -1.10
CA VAL A 197 10.29 -4.48 -0.45
C VAL A 197 11.08 -5.32 -1.44
N ASP A 198 12.32 -5.63 -1.08
CA ASP A 198 13.18 -6.51 -1.86
C ASP A 198 13.37 -7.87 -1.21
N VAL A 199 13.73 -7.90 0.08
CA VAL A 199 13.87 -9.13 0.83
C VAL A 199 13.23 -8.94 2.20
N TYR A 200 13.09 -10.05 2.92
CA TYR A 200 12.48 -10.04 4.25
C TYR A 200 13.48 -10.53 5.30
N SER A 201 13.35 -9.99 6.50
CA SER A 201 13.99 -10.54 7.69
C SER A 201 12.91 -10.73 8.74
N THR A 202 12.79 -11.95 9.27
CA THR A 202 11.71 -12.24 10.20
C THR A 202 11.90 -11.54 11.54
N MET A 203 13.14 -11.39 11.99
CA MET A 203 13.39 -10.80 13.30
C MET A 203 14.82 -10.30 13.38
N ASN A 204 15.04 -9.35 14.29
CA ASN A 204 16.35 -8.76 14.53
C ASN A 204 16.85 -9.21 15.90
N GLU A 205 18.05 -9.80 15.91
CA GLU A 205 18.75 -10.22 17.12
C GLU A 205 17.82 -10.97 18.10
N PRO A 206 17.26 -12.10 17.70
CA PRO A 206 16.42 -12.86 18.64
C PRO A 206 17.21 -13.43 19.81
N ASN A 207 18.53 -13.61 19.65
CA ASN A 207 19.33 -14.19 20.72
C ASN A 207 19.51 -13.24 21.89
N VAL A 208 19.43 -11.93 21.64
CA VAL A 208 19.47 -10.97 22.75
C VAL A 208 18.28 -11.18 23.67
N VAL A 209 17.16 -11.63 23.13
CA VAL A 209 15.94 -11.80 23.92
C VAL A 209 15.90 -13.14 24.62
N PHE A 210 16.16 -14.24 23.90
CA PHE A 210 16.01 -15.55 24.54
C PHE A 210 17.23 -15.94 25.37
N SER A 211 18.27 -15.11 25.45
CA SER A 211 19.39 -15.37 26.33
C SER A 211 19.19 -14.79 27.72
N GLY A 212 18.15 -14.00 27.93
CA GLY A 212 17.91 -13.39 29.23
C GLY A 212 16.70 -13.95 29.95
N GLY A 213 16.62 -13.70 31.25
CA GLY A 213 15.49 -14.18 32.04
C GLY A 213 15.43 -15.67 32.22
N ASN A 214 16.55 -16.37 32.08
CA ASN A 214 16.59 -17.82 32.19
C ASN A 214 17.09 -18.31 33.54
N ASN A 215 17.52 -17.41 34.42
CA ASN A 215 18.02 -17.76 35.75
C ASN A 215 19.18 -18.75 35.66
N ASN A 216 20.02 -18.58 34.63
CA ASN A 216 21.16 -19.45 34.34
C ASN A 216 20.76 -20.89 34.08
N SER A 217 19.47 -21.14 33.83
CA SER A 217 19.01 -22.47 33.48
C SER A 217 19.19 -22.68 31.98
N GLU A 218 20.01 -23.67 31.61
CA GLU A 218 20.20 -23.95 30.20
C GLU A 218 18.95 -24.56 29.58
N LYS A 219 18.17 -25.30 30.37
CA LYS A 219 16.92 -25.87 29.84
C LYS A 219 15.93 -24.77 29.49
N LYS A 220 15.79 -23.77 30.34
CA LYS A 220 14.91 -22.63 30.02
C LYS A 220 15.45 -21.85 28.82
N TYR A 221 16.76 -21.89 28.60
CA TYR A 221 17.35 -21.18 27.47
C TYR A 221 17.00 -21.85 26.15
N TYR A 222 17.22 -23.17 26.07
CA TYR A 222 16.92 -23.88 24.83
C TYR A 222 15.42 -24.03 24.61
N SER A 223 14.63 -24.12 25.68
CA SER A 223 13.19 -24.20 25.53
C SER A 223 12.62 -22.89 24.99
N LYS A 224 13.07 -21.76 25.55
CA LYS A 224 12.64 -20.46 25.07
C LYS A 224 13.08 -20.22 23.64
N MET A 225 14.28 -20.70 23.29
CA MET A 225 14.81 -20.47 21.96
C MET A 225 14.06 -21.28 20.90
N LYS A 226 13.48 -22.43 21.30
CA LYS A 226 12.71 -23.24 20.36
C LYS A 226 11.53 -22.45 19.79
N PHE A 227 10.88 -21.65 20.63
CA PHE A 227 9.73 -20.86 20.15
C PHE A 227 10.17 -19.78 19.17
N PHE A 228 11.36 -19.21 19.36
CA PHE A 228 11.88 -18.26 18.39
C PHE A 228 12.17 -18.95 17.05
N ILE A 229 12.68 -20.19 17.11
CA ILE A 229 12.88 -20.96 15.89
C ILE A 229 11.56 -21.17 15.18
N GLU A 230 10.51 -21.51 15.91
CA GLU A 230 9.21 -21.72 15.31
C GLU A 230 8.56 -20.41 14.88
N ALA A 231 8.80 -19.33 15.63
CA ALA A 231 8.35 -18.02 15.17
C ALA A 231 8.97 -17.67 13.83
N HIS A 232 10.25 -18.00 13.64
CA HIS A 232 10.91 -17.69 12.38
C HIS A 232 10.41 -18.57 11.25
N ALA A 233 10.36 -19.90 11.47
CA ALA A 233 9.98 -20.82 10.41
C ALA A 233 8.55 -20.60 9.95
N ARG A 234 7.63 -20.38 10.89
CA ARG A 234 6.24 -20.18 10.52
C ARG A 234 6.04 -18.82 9.84
N ALA A 235 6.78 -17.80 10.30
CA ALA A 235 6.79 -16.54 9.57
C ALA A 235 7.30 -16.73 8.15
N TYR A 236 8.36 -17.53 8.00
CA TYR A 236 8.91 -17.82 6.67
C TYR A 236 7.84 -18.42 5.77
N ASP A 237 7.16 -19.47 6.24
CA ASP A 237 6.18 -20.16 5.41
C ASP A 237 5.06 -19.23 4.98
N CYS A 238 4.55 -18.41 5.90
CA CYS A 238 3.43 -17.54 5.57
C CYS A 238 3.84 -16.42 4.62
N ILE A 239 5.08 -15.93 4.72
CA ILE A 239 5.56 -14.96 3.74
C ILE A 239 5.75 -15.63 2.38
N ARG A 240 6.32 -16.84 2.37
CA ARG A 240 6.58 -17.54 1.12
C ARG A 240 5.28 -17.86 0.38
N THR A 241 4.19 -18.11 1.12
CA THR A 241 2.89 -18.29 0.48
C THR A 241 2.49 -17.08 -0.34
N ILE A 242 2.88 -15.89 0.09
CA ILE A 242 2.50 -14.64 -0.55
C ILE A 242 3.58 -14.13 -1.49
N SER A 243 4.83 -14.24 -1.09
CA SER A 243 5.94 -13.61 -1.81
C SER A 243 6.91 -14.67 -2.33
N ARG A 244 7.50 -14.37 -3.49
CA ARG A 244 8.58 -15.17 -4.05
C ARG A 244 9.94 -14.62 -3.69
N LYS A 245 10.00 -13.60 -2.84
CA LYS A 245 11.25 -12.94 -2.49
C LYS A 245 11.90 -13.62 -1.29
N ARG A 246 13.20 -13.37 -1.13
CA ARG A 246 14.01 -14.11 -0.17
C ARG A 246 13.73 -13.67 1.26
N ILE A 247 13.79 -14.63 2.17
CA ILE A 247 13.47 -14.43 3.58
C ILE A 247 14.64 -14.92 4.42
N GLY A 248 15.15 -14.07 5.29
CA GLY A 248 16.23 -14.47 6.16
C GLY A 248 16.01 -14.08 7.61
N VAL A 249 17.11 -13.92 8.35
CA VAL A 249 17.07 -13.50 9.75
C VAL A 249 18.27 -12.61 10.01
N ILE A 250 18.13 -11.77 11.04
CA ILE A 250 19.20 -10.87 11.47
C ILE A 250 19.61 -11.26 12.87
N TYR A 251 20.89 -11.60 13.04
CA TYR A 251 21.38 -12.20 14.28
C TYR A 251 22.46 -11.33 14.91
N ALA A 252 22.52 -11.37 16.23
CA ALA A 252 23.57 -10.68 16.99
C ALA A 252 24.76 -11.63 17.13
N ASN A 253 25.93 -11.18 16.69
CA ASN A 253 27.11 -12.03 16.58
C ASN A 253 28.24 -11.45 17.42
N GLU A 254 28.18 -11.69 18.72
CA GLU A 254 29.34 -11.47 19.57
C GLU A 254 30.40 -12.52 19.23
N HIS A 255 31.61 -12.07 18.90
CA HIS A 255 32.65 -13.01 18.50
C HIS A 255 33.19 -13.72 19.73
N ILE A 256 32.92 -15.00 19.85
CA ILE A 256 33.30 -15.78 21.02
C ILE A 256 34.75 -16.22 20.87
N GLU A 257 35.57 -15.90 21.87
CA GLU A 257 36.97 -16.31 21.90
C GLU A 257 37.29 -16.85 23.29
N SER A 258 38.42 -17.54 23.38
CA SER A 258 39.04 -17.86 24.65
C SER A 258 40.25 -16.97 24.86
N LEU A 259 40.75 -16.96 26.09
CA LEU A 259 41.85 -16.06 26.44
C LEU A 259 43.14 -16.56 25.80
N GLU A 260 43.76 -15.70 24.99
CA GLU A 260 45.00 -16.04 24.26
C GLU A 260 44.85 -17.34 23.48
N ASN A 261 43.62 -17.65 23.04
CA ASN A 261 43.35 -18.78 22.15
C ASN A 261 43.67 -20.12 22.80
N SER A 262 43.48 -20.23 24.11
CA SER A 262 43.93 -21.39 24.86
C SER A 262 42.89 -22.47 25.03
N ASP A 263 41.68 -22.31 24.48
CA ASP A 263 40.60 -23.26 24.68
C ASP A 263 39.73 -23.32 23.43
N PRO A 264 40.18 -24.05 22.39
CA PRO A 264 39.38 -24.11 21.16
C PRO A 264 38.09 -24.89 21.30
N GLU A 265 38.05 -25.91 22.18
CA GLU A 265 36.84 -26.70 22.32
C GLU A 265 35.75 -25.93 23.06
N LEU A 266 36.12 -25.15 24.06
CA LEU A 266 35.14 -24.32 24.76
C LEU A 266 34.51 -23.30 23.83
N VAL A 267 35.32 -22.73 22.93
CA VAL A 267 34.78 -21.78 21.96
C VAL A 267 33.77 -22.47 21.04
N GLU A 268 34.07 -23.70 20.63
CA GLU A 268 33.14 -24.45 19.79
C GLU A 268 31.83 -24.71 20.53
N GLU A 269 31.91 -24.99 21.84
CA GLU A 269 30.71 -25.25 22.62
C GLU A 269 29.83 -23.99 22.71
N VAL A 270 30.43 -22.86 23.10
CA VAL A 270 29.66 -21.65 23.31
C VAL A 270 29.20 -21.06 21.98
N THR A 271 30.02 -21.17 20.94
CA THR A 271 29.58 -20.71 19.62
C THR A 271 28.37 -21.50 19.13
N TRP A 272 28.30 -22.79 19.47
CA TRP A 272 27.10 -23.55 19.14
C TRP A 272 25.92 -23.13 19.99
N ARG A 273 26.13 -22.95 21.29
CA ARG A 273 25.03 -22.58 22.19
C ARG A 273 24.44 -21.23 21.82
N ASN A 274 25.28 -20.25 21.48
CA ASN A 274 24.84 -18.89 21.28
C ASN A 274 24.42 -18.59 19.84
N ARG A 275 24.80 -19.43 18.88
CA ARG A 275 24.63 -19.06 17.47
C ARG A 275 24.17 -20.22 16.61
N TYR A 276 25.02 -21.24 16.46
CA TYR A 276 24.78 -22.27 15.46
C TYR A 276 23.58 -23.15 15.83
N SER A 277 23.28 -23.30 17.11
CA SER A 277 22.09 -24.05 17.49
C SER A 277 20.83 -23.45 16.90
N PHE A 278 20.80 -22.13 16.74
CA PHE A 278 19.63 -21.46 16.18
C PHE A 278 19.64 -21.52 14.65
N ILE A 279 20.76 -21.14 14.05
CA ILE A 279 20.81 -21.06 12.59
C ILE A 279 20.71 -22.44 11.97
N ASP A 280 21.34 -23.45 12.58
CA ASP A 280 21.20 -24.82 12.09
C ASP A 280 19.75 -25.24 12.01
N SER A 281 18.95 -24.84 13.00
CA SER A 281 17.57 -25.31 13.07
C SER A 281 16.74 -24.79 11.91
N ILE A 282 16.91 -23.51 11.57
CA ILE A 282 16.09 -22.89 10.52
C ILE A 282 16.69 -23.02 9.13
N LYS A 283 17.95 -23.44 9.03
CA LYS A 283 18.61 -23.60 7.73
C LYS A 283 18.54 -25.03 7.22
N SER A 284 18.99 -26.00 8.01
CA SER A 284 18.98 -27.40 7.61
C SER A 284 17.93 -28.24 8.30
N GLY A 285 17.21 -27.67 9.27
CA GLY A 285 16.23 -28.42 10.04
C GLY A 285 16.79 -29.24 11.17
N LYS A 286 18.11 -29.30 11.32
CA LYS A 286 18.74 -30.05 12.41
C LYS A 286 18.67 -29.21 13.67
N THR A 287 17.66 -29.46 14.50
CA THR A 287 17.48 -28.72 15.75
C THR A 287 17.73 -29.66 16.93
N PHE A 288 17.24 -29.28 18.10
CA PHE A 288 17.42 -30.03 19.34
C PHE A 288 16.05 -30.31 19.95
N SER A 289 16.07 -31.00 21.08
CA SER A 289 14.85 -31.29 21.82
C SER A 289 15.11 -31.09 23.31
N THR A 290 14.12 -30.54 24.01
CA THR A 290 14.21 -30.29 25.43
C THR A 290 13.45 -31.31 26.27
N LYS A 291 12.85 -32.31 25.63
CA LYS A 291 11.98 -33.23 26.35
C LYS A 291 12.73 -34.05 27.39
N ASN A 292 14.01 -34.34 27.16
CA ASN A 292 14.77 -35.22 28.03
C ASN A 292 15.76 -34.48 28.91
N MET A 293 15.78 -33.15 28.88
CA MET A 293 16.65 -32.39 29.77
C MET A 293 16.15 -32.45 31.19
N GLU A 294 17.04 -32.78 32.12
CA GLU A 294 16.77 -32.45 33.51
C GLU A 294 17.12 -30.99 33.75
N GLU A 295 16.56 -30.42 34.82
CA GLU A 295 16.68 -28.98 35.03
C GLU A 295 18.13 -28.53 35.14
N ASN A 296 19.02 -29.40 35.61
CA ASN A 296 20.41 -29.01 35.82
C ASN A 296 21.34 -29.45 34.70
N SER A 297 20.83 -30.10 33.66
CA SER A 297 21.67 -30.52 32.54
C SER A 297 22.03 -29.33 31.66
N ARG A 298 23.18 -29.45 30.99
CA ARG A 298 23.75 -28.35 30.22
C ARG A 298 23.36 -28.36 28.75
N TRP A 299 23.30 -29.54 28.14
CA TRP A 299 23.20 -29.66 26.70
C TRP A 299 21.87 -30.26 26.26
N PRO A 300 21.45 -30.00 25.02
CA PRO A 300 20.22 -30.60 24.51
C PRO A 300 20.43 -31.93 23.82
N GLU A 301 19.32 -32.67 23.69
CA GLU A 301 19.29 -33.80 22.79
C GLU A 301 19.49 -33.27 21.38
N LYS A 302 20.68 -33.47 20.82
CA LYS A 302 21.02 -32.96 19.51
C LYS A 302 20.61 -33.95 18.43
N ASN A 303 20.75 -33.52 17.18
CA ASN A 303 20.29 -34.28 16.01
C ASN A 303 18.82 -34.68 16.19
N VAL A 304 17.98 -33.66 16.22
CA VAL A 304 16.53 -33.83 16.18
C VAL A 304 16.08 -33.14 14.90
N PHE A 305 15.96 -33.91 13.83
CA PHE A 305 15.59 -33.34 12.54
C PHE A 305 14.11 -32.97 12.53
N ARG A 306 13.79 -31.87 11.85
CA ARG A 306 12.41 -31.42 11.71
C ARG A 306 12.22 -30.94 10.27
N LYS A 307 11.43 -31.69 9.49
CA LYS A 307 11.19 -31.34 8.10
C LYS A 307 10.52 -29.98 7.95
N ASP A 308 9.81 -29.51 8.99
CA ASP A 308 9.11 -28.23 8.92
C ASP A 308 10.01 -27.05 9.25
N LEU A 309 11.23 -27.29 9.72
CA LEU A 309 12.20 -26.23 9.95
C LEU A 309 13.27 -26.17 8.87
N GLU A 310 13.26 -27.13 7.94
CA GLU A 310 14.35 -27.27 6.97
C GLU A 310 14.19 -26.28 5.82
N ASN A 311 15.32 -25.65 5.44
CA ASN A 311 15.40 -24.77 4.28
C ASN A 311 14.51 -23.53 4.44
N ARG A 312 14.39 -23.02 5.66
CA ARG A 312 13.64 -21.80 5.93
C ARG A 312 14.55 -20.61 6.20
N LEU A 313 15.69 -20.55 5.51
CA LEU A 313 16.64 -19.45 5.70
C LEU A 313 17.34 -19.19 4.37
N ASP A 314 17.06 -18.04 3.76
CA ASP A 314 17.62 -17.69 2.46
C ASP A 314 18.87 -16.83 2.55
N TRP A 315 19.02 -16.05 3.63
CA TRP A 315 20.18 -15.19 3.78
C TRP A 315 20.35 -14.85 5.25
N ILE A 316 21.57 -14.42 5.61
CA ILE A 316 21.94 -14.18 7.00
C ILE A 316 22.34 -12.71 7.14
N GLY A 317 21.66 -12.01 8.05
CA GLY A 317 22.03 -10.66 8.42
C GLY A 317 22.99 -10.64 9.59
N VAL A 318 24.19 -10.13 9.38
CA VAL A 318 25.27 -10.23 10.36
C VAL A 318 25.39 -8.89 11.08
N ASN A 319 25.03 -8.88 12.37
CA ASN A 319 25.29 -7.75 13.24
C ASN A 319 26.59 -8.02 14.01
N TYR A 320 27.48 -7.03 14.03
CA TYR A 320 28.72 -7.18 14.78
C TYR A 320 29.09 -5.87 15.45
N TYR A 321 29.58 -5.97 16.69
CA TYR A 321 30.03 -4.80 17.43
C TYR A 321 31.34 -5.08 18.17
N SER A 322 31.43 -6.21 18.86
CA SER A 322 32.62 -6.51 19.64
C SER A 322 32.70 -8.01 19.88
N ARG A 323 33.72 -8.43 20.63
CA ARG A 323 33.98 -9.83 20.90
C ARG A 323 33.47 -10.21 22.29
N TYR A 324 33.70 -11.47 22.66
CA TYR A 324 33.10 -12.06 23.85
C TYR A 324 34.02 -13.19 24.30
N VAL A 325 34.88 -12.91 25.27
CA VAL A 325 35.92 -13.85 25.72
C VAL A 325 35.39 -14.63 26.92
N VAL A 326 35.52 -15.95 26.87
CA VAL A 326 34.91 -16.83 27.87
C VAL A 326 35.97 -17.75 28.46
N ARG A 327 35.66 -18.28 29.64
CA ARG A 327 36.49 -19.25 30.34
C ARG A 327 35.58 -20.36 30.86
N ARG A 328 36.20 -21.42 31.39
CA ARG A 328 35.47 -22.60 31.82
C ARG A 328 34.96 -22.44 33.25
N ILE A 329 33.78 -22.99 33.50
CA ILE A 329 33.15 -23.02 34.82
C ILE A 329 32.49 -24.39 34.96
N GLU A 330 32.36 -24.86 36.21
CA GLU A 330 31.68 -26.12 36.46
C GLU A 330 30.31 -26.15 35.80
N SER A 331 29.57 -25.04 35.86
CA SER A 331 28.30 -24.96 35.16
C SER A 331 28.48 -25.01 33.64
N GLY A 332 29.61 -24.52 33.15
CA GLY A 332 29.87 -24.50 31.72
C GLY A 332 30.88 -23.43 31.34
N PHE A 333 30.46 -22.17 31.41
CA PHE A 333 31.33 -21.08 30.99
C PHE A 333 30.87 -19.77 31.62
N GLU A 334 31.76 -18.79 31.62
CA GLU A 334 31.44 -17.44 32.03
C GLU A 334 32.30 -16.48 31.21
N ALA A 335 31.78 -15.28 30.99
CA ALA A 335 32.52 -14.27 30.26
C ALA A 335 33.55 -13.61 31.17
N ILE A 336 34.55 -12.97 30.55
CA ILE A 336 35.64 -12.33 31.26
C ILE A 336 35.51 -10.82 31.10
N ASP A 337 35.43 -10.11 32.22
CA ASP A 337 35.40 -8.66 32.19
C ASP A 337 36.75 -8.11 31.77
N GLY A 338 36.72 -6.95 31.12
CA GLY A 338 37.92 -6.35 30.57
C GLY A 338 38.15 -6.65 29.10
N TYR A 339 37.27 -7.43 28.48
CA TYR A 339 37.36 -7.72 27.05
C TYR A 339 35.97 -7.60 26.44
N GLY A 340 35.93 -7.12 25.19
CA GLY A 340 34.69 -7.14 24.45
C GLY A 340 33.64 -6.22 25.06
N PHE A 341 32.41 -6.73 25.17
CA PHE A 341 31.28 -5.94 25.63
C PHE A 341 31.37 -5.56 27.10
N LEU A 342 32.27 -6.17 27.87
CA LEU A 342 32.35 -5.92 29.31
C LEU A 342 33.55 -5.02 29.63
N CYS A 343 33.54 -3.82 29.04
CA CYS A 343 34.60 -2.84 29.21
C CYS A 343 34.06 -1.52 29.72
N SER A 344 32.97 -1.56 30.50
CA SER A 344 32.30 -0.32 30.91
C SER A 344 33.19 0.54 31.80
N GLY A 345 33.72 -0.06 32.88
CA GLY A 345 34.57 0.70 33.77
C GLY A 345 36.01 0.70 33.32
N TYR A 346 36.25 0.36 32.05
CA TYR A 346 37.61 0.23 31.54
C TYR A 346 37.96 1.41 30.65
N GLU A 347 39.21 1.86 30.79
CA GLU A 347 39.81 2.95 30.02
C GLU A 347 40.37 2.43 28.71
N LYS A 348 41.23 1.43 28.79
CA LYS A 348 41.57 0.56 27.67
C LYS A 348 41.19 -0.86 28.05
N SER A 349 41.00 -1.70 27.05
CA SER A 349 40.74 -3.10 27.32
C SER A 349 41.98 -3.74 27.96
N LYS A 350 41.79 -4.94 28.52
CA LYS A 350 42.93 -5.68 29.03
C LYS A 350 43.89 -6.08 27.93
N ASP A 351 43.48 -5.96 26.67
CA ASP A 351 44.36 -6.13 25.52
C ASP A 351 44.91 -4.81 25.00
N GLY A 352 44.62 -3.71 25.68
CA GLY A 352 45.14 -2.41 25.27
C GLY A 352 44.41 -1.78 24.12
N ARG A 353 43.14 -2.11 23.92
CA ARG A 353 42.37 -1.62 22.79
C ARG A 353 41.39 -0.53 23.23
N VAL A 354 40.95 0.26 22.26
CA VAL A 354 40.06 1.39 22.54
C VAL A 354 38.69 0.88 22.96
N VAL A 355 38.10 1.55 23.95
CA VAL A 355 36.77 1.20 24.46
C VAL A 355 35.80 2.30 24.07
N SER A 356 34.62 1.89 23.59
CA SER A 356 33.61 2.82 23.11
C SER A 356 32.92 3.52 24.29
N GLU A 357 31.95 4.38 23.96
CA GLU A 357 31.17 5.07 24.99
C GLU A 357 30.08 4.19 25.58
N MET A 358 29.76 3.05 24.95
CA MET A 358 28.94 2.03 25.57
C MET A 358 29.73 1.12 26.50
N GLY A 359 31.04 1.32 26.60
CA GLY A 359 31.88 0.36 27.28
C GLY A 359 32.17 -0.88 26.45
N TRP A 360 32.25 -0.74 25.13
CA TRP A 360 32.47 -1.86 24.23
C TRP A 360 33.87 -1.74 23.61
N GLU A 361 34.64 -2.82 23.72
CA GLU A 361 35.96 -2.87 23.10
C GLU A 361 35.82 -2.84 21.58
N ILE A 362 36.67 -2.06 20.92
CA ILE A 362 36.73 -2.05 19.47
C ILE A 362 37.58 -3.22 19.01
N TYR A 363 37.01 -4.10 18.18
CA TYR A 363 37.64 -5.35 17.79
C TYR A 363 37.15 -5.76 16.41
N PRO A 364 37.66 -5.12 15.36
CA PRO A 364 37.19 -5.46 14.00
C PRO A 364 37.55 -6.87 13.57
N GLN A 365 38.54 -7.51 14.20
CA GLN A 365 38.92 -8.86 13.80
C GLN A 365 37.78 -9.85 14.02
N GLY A 366 36.91 -9.59 15.00
CA GLY A 366 35.78 -10.47 15.22
C GLY A 366 34.81 -10.52 14.05
N LEU A 367 34.66 -9.40 13.33
CA LEU A 367 33.74 -9.37 12.20
C LEU A 367 34.19 -10.32 11.10
N TYR A 368 35.48 -10.30 10.77
CA TYR A 368 36.01 -11.23 9.79
C TYR A 368 35.83 -12.67 10.26
N ASP A 369 36.14 -12.94 11.53
CA ASP A 369 36.01 -14.29 12.06
C ASP A 369 34.55 -14.74 12.09
N VAL A 370 33.63 -13.83 12.40
CA VAL A 370 32.21 -14.18 12.40
C VAL A 370 31.75 -14.48 10.97
N LEU A 371 32.17 -13.67 10.00
CA LEU A 371 31.74 -13.87 8.63
C LEU A 371 32.27 -15.19 8.07
N MET A 372 33.53 -15.53 8.38
CA MET A 372 34.10 -16.76 7.85
C MET A 372 33.42 -17.99 8.44
N GLY A 373 33.11 -17.96 9.74
CA GLY A 373 32.40 -19.09 10.33
C GLY A 373 31.03 -19.30 9.72
N TYR A 374 30.31 -18.20 9.48
CA TYR A 374 29.02 -18.29 8.79
C TYR A 374 29.19 -18.86 7.39
N GLN A 375 30.20 -18.38 6.66
CA GLN A 375 30.42 -18.85 5.29
C GLN A 375 30.78 -20.32 5.26
N GLU A 376 31.69 -20.74 6.14
CA GLU A 376 32.14 -22.13 6.14
C GLU A 376 31.01 -23.09 6.47
N ARG A 377 30.10 -22.68 7.36
CA ARG A 377 29.06 -23.57 7.86
C ARG A 377 27.82 -23.60 6.99
N TYR A 378 27.53 -22.52 6.25
CA TYR A 378 26.23 -22.40 5.60
C TYR A 378 26.33 -22.06 4.12
N SER A 379 27.38 -21.31 3.72
CA SER A 379 27.57 -20.87 2.34
C SER A 379 26.33 -20.13 1.83
N LEU A 380 25.74 -19.31 2.70
CA LEU A 380 24.55 -18.55 2.38
C LEU A 380 24.92 -17.11 2.04
N PRO A 381 24.07 -16.42 1.28
CA PRO A 381 24.29 -14.98 1.05
C PRO A 381 24.19 -14.24 2.37
N MET A 382 25.11 -13.29 2.57
CA MET A 382 25.23 -12.60 3.85
C MET A 382 25.22 -11.09 3.63
N MET A 383 24.77 -10.38 4.66
CA MET A 383 24.72 -8.93 4.65
C MET A 383 25.06 -8.44 6.05
N VAL A 384 26.08 -7.60 6.16
CA VAL A 384 26.38 -6.96 7.43
C VAL A 384 25.28 -5.95 7.72
N THR A 385 24.31 -6.35 8.53
CA THR A 385 23.11 -5.54 8.74
C THR A 385 23.26 -4.52 9.85
N GLU A 386 24.26 -4.65 10.72
CA GLU A 386 24.52 -3.66 11.75
C GLU A 386 26.00 -3.64 12.08
N ASN A 387 26.53 -2.43 12.23
CA ASN A 387 27.90 -2.21 12.67
C ASN A 387 28.07 -0.72 12.98
N GLY A 388 28.47 -0.39 14.20
CA GLY A 388 28.58 1.01 14.57
C GLY A 388 29.19 1.15 15.95
N ILE A 389 29.23 2.40 16.41
CA ILE A 389 29.88 2.74 17.67
C ILE A 389 29.15 3.93 18.29
N ALA A 390 29.08 3.95 19.61
CA ALA A 390 28.60 5.10 20.35
C ALA A 390 29.73 6.11 20.44
N ASP A 391 29.61 7.22 19.70
CA ASP A 391 30.73 8.16 19.54
C ASP A 391 30.12 9.53 19.23
N ASP A 392 29.80 10.29 20.28
CA ASP A 392 29.14 11.58 20.09
C ASP A 392 30.02 12.55 19.31
N MET A 393 31.28 12.67 19.70
CA MET A 393 32.20 13.63 19.09
C MET A 393 32.89 13.08 17.84
N ASP A 394 32.53 11.88 17.39
CA ASP A 394 33.05 11.28 16.17
C ASP A 394 34.57 11.11 16.23
N ARG A 395 35.08 10.78 17.42
CA ARG A 395 36.52 10.65 17.60
C ARG A 395 37.05 9.35 17.01
N TYR A 396 36.32 8.25 17.18
CA TYR A 396 36.76 6.95 16.72
C TYR A 396 35.99 6.41 15.51
N ARG A 397 34.76 6.88 15.29
CA ARG A 397 33.92 6.33 14.23
C ARG A 397 34.55 6.36 12.85
N PRO A 398 35.33 7.36 12.43
CA PRO A 398 36.00 7.26 11.12
C PRO A 398 36.89 6.04 11.01
N GLY A 399 37.77 5.81 11.99
CA GLY A 399 38.59 4.63 11.97
C GLY A 399 37.82 3.35 12.22
N PHE A 400 36.79 3.41 13.06
CA PHE A 400 35.92 2.26 13.27
C PHE A 400 35.29 1.81 11.95
N LEU A 401 34.84 2.76 11.14
CA LEU A 401 34.20 2.42 9.87
C LEU A 401 35.21 1.84 8.88
N ILE A 402 36.44 2.37 8.88
CA ILE A 402 37.44 1.92 7.90
C ILE A 402 37.92 0.52 8.24
N SER A 403 38.22 0.26 9.52
CA SER A 403 38.81 -1.02 9.89
C SER A 403 37.82 -2.17 9.74
N HIS A 404 36.55 -1.93 10.06
CA HIS A 404 35.55 -2.98 9.88
C HIS A 404 35.25 -3.22 8.40
N MET A 405 35.35 -2.18 7.57
CA MET A 405 35.18 -2.37 6.14
C MET A 405 36.36 -3.12 5.53
N LYS A 406 37.57 -2.92 6.05
CA LYS A 406 38.70 -3.70 5.60
C LYS A 406 38.53 -5.17 5.95
N MET A 407 37.90 -5.46 7.10
CA MET A 407 37.66 -6.85 7.48
C MET A 407 36.62 -7.50 6.57
N ILE A 408 35.67 -6.72 6.06
CA ILE A 408 34.70 -7.26 5.11
C ILE A 408 35.36 -7.54 3.77
N GLU A 409 36.24 -6.64 3.33
CA GLU A 409 36.95 -6.85 2.07
C GLU A 409 37.82 -8.10 2.13
N ARG A 410 38.45 -8.35 3.28
CA ARG A 410 39.27 -9.55 3.42
C ARG A 410 38.40 -10.80 3.45
N ALA A 411 37.26 -10.74 4.13
CA ALA A 411 36.35 -11.88 4.18
C ALA A 411 35.84 -12.24 2.79
N ILE A 412 35.47 -11.22 2.00
CA ILE A 412 35.02 -11.46 0.63
C ILE A 412 36.12 -12.13 -0.19
N LYS A 413 37.34 -11.57 -0.13
CA LYS A 413 38.45 -12.16 -0.85
C LYS A 413 38.78 -13.56 -0.36
N ASP A 414 38.41 -13.90 0.87
CA ASP A 414 38.63 -15.23 1.41
C ASP A 414 37.45 -16.17 1.19
N GLY A 415 36.43 -15.73 0.44
CA GLY A 415 35.32 -16.59 0.06
C GLY A 415 33.97 -16.21 0.65
N ALA A 416 33.90 -15.32 1.63
CA ALA A 416 32.62 -14.98 2.24
C ALA A 416 31.75 -14.21 1.27
N GLY A 417 30.50 -14.65 1.12
CA GLY A 417 29.56 -13.97 0.25
C GLY A 417 28.83 -12.84 0.95
N VAL A 418 29.53 -11.73 1.16
CA VAL A 418 28.95 -10.55 1.80
C VAL A 418 28.48 -9.60 0.69
N GLU A 419 27.21 -9.22 0.74
CA GLU A 419 26.60 -8.46 -0.34
C GLU A 419 26.41 -6.98 -0.01
N GLY A 420 26.65 -6.56 1.22
CA GLY A 420 26.50 -5.15 1.53
C GLY A 420 26.81 -4.87 3.00
N TYR A 421 26.74 -3.58 3.33
CA TYR A 421 27.09 -3.09 4.66
C TYR A 421 26.07 -2.06 5.08
N LEU A 422 25.39 -2.30 6.20
CA LEU A 422 24.42 -1.37 6.77
C LEU A 422 24.95 -0.90 8.12
N HIS A 423 25.44 0.33 8.16
CA HIS A 423 25.92 0.92 9.40
C HIS A 423 24.77 1.13 10.37
N TRP A 424 25.02 0.90 11.65
CA TRP A 424 23.96 1.11 12.62
C TRP A 424 23.81 2.59 12.94
N SER A 425 22.57 3.07 12.89
CA SER A 425 22.17 4.45 13.15
C SER A 425 22.69 5.38 12.05
N LEU A 426 21.83 5.65 11.07
CA LEU A 426 22.05 6.80 10.20
C LEU A 426 22.00 8.09 11.00
N THR A 427 21.04 8.18 11.93
CA THR A 427 20.97 9.26 12.91
C THR A 427 21.02 8.66 14.32
N ASP A 428 21.39 9.50 15.28
CA ASP A 428 21.26 9.11 16.68
C ASP A 428 19.81 8.72 16.96
N ASN A 429 19.62 7.80 17.89
CA ASN A 429 18.27 7.31 18.18
C ASN A 429 18.23 6.80 19.62
N PHE A 430 17.08 6.22 19.98
CA PHE A 430 16.83 5.76 21.35
C PHE A 430 17.49 4.41 21.56
N GLU A 431 18.51 4.37 22.42
CA GLU A 431 19.32 3.16 22.61
C GLU A 431 18.80 2.35 23.82
N TRP A 432 17.54 1.95 23.72
CA TRP A 432 16.91 0.95 24.61
C TRP A 432 17.06 1.42 26.05
N SER A 433 17.55 0.58 26.97
CA SER A 433 17.63 0.94 28.38
C SER A 433 18.63 2.05 28.64
N SER A 434 19.52 2.35 27.69
CA SER A 434 20.50 3.40 27.86
C SER A 434 19.98 4.78 27.50
N GLY A 435 18.90 4.86 26.73
CA GLY A 435 18.31 6.14 26.39
C GLY A 435 19.00 6.82 25.22
N PHE A 436 18.88 8.15 25.21
CA PHE A 436 19.36 8.96 24.09
C PHE A 436 20.84 9.31 24.19
N SER A 437 21.49 9.07 25.33
CA SER A 437 22.86 9.52 25.53
C SER A 437 23.87 8.71 24.74
N LYS A 438 23.48 7.60 24.11
CA LYS A 438 24.38 6.76 23.34
C LYS A 438 24.17 7.07 21.86
N LYS A 439 25.14 7.73 21.25
CA LYS A 439 25.01 8.28 19.90
C LYS A 439 25.72 7.37 18.91
N PHE A 440 24.94 6.58 18.17
CA PHE A 440 25.47 5.68 17.16
C PHE A 440 25.41 6.25 15.76
N GLY A 441 24.91 7.47 15.60
CA GLY A 441 24.57 7.96 14.28
C GLY A 441 25.76 8.50 13.50
N LEU A 442 25.71 8.29 12.19
CA LEU A 442 26.55 9.08 11.30
C LEU A 442 26.11 10.53 11.28
N LEU A 443 24.88 10.81 11.71
CA LEU A 443 24.34 12.15 11.87
C LEU A 443 23.92 12.35 13.31
N ARG A 444 24.26 13.50 13.87
CA ARG A 444 23.88 13.85 15.23
C ARG A 444 22.50 14.50 15.24
N VAL A 445 21.72 14.19 16.27
CA VAL A 445 20.34 14.65 16.37
C VAL A 445 20.22 15.61 17.56
N ASP A 446 19.63 16.77 17.32
CA ASP A 446 19.17 17.66 18.38
C ASP A 446 17.73 17.28 18.68
N TYR A 447 17.50 16.65 19.84
CA TYR A 447 16.18 16.10 20.13
C TYR A 447 15.16 17.16 20.51
N ARG A 448 15.57 18.42 20.68
CA ARG A 448 14.62 19.50 20.87
C ARG A 448 14.11 20.04 19.54
N THR A 449 14.99 20.19 18.56
CA THR A 449 14.62 20.71 17.25
C THR A 449 14.46 19.63 16.18
N LYS A 450 14.94 18.41 16.44
CA LYS A 450 14.96 17.28 15.51
C LYS A 450 15.89 17.51 14.33
N LYS A 451 16.75 18.54 14.38
CA LYS A 451 17.68 18.79 13.29
C LYS A 451 18.81 17.76 13.30
N ARG A 452 19.21 17.34 12.11
CA ARG A 452 20.31 16.40 11.94
C ARG A 452 21.57 17.14 11.50
N SER A 453 22.71 16.76 12.07
CA SER A 453 23.98 17.41 11.81
C SER A 453 25.00 16.37 11.32
N ILE A 454 25.81 16.76 10.33
CA ILE A 454 26.75 15.84 9.73
C ILE A 454 27.93 15.61 10.65
N ARG A 455 28.21 14.32 10.96
CA ARG A 455 29.51 14.00 11.53
C ARG A 455 30.49 13.65 10.41
N PRO A 456 31.79 13.94 10.60
CA PRO A 456 32.76 13.64 9.53
C PRO A 456 32.74 12.19 9.08
N SER A 457 32.28 11.26 9.92
CA SER A 457 32.19 9.86 9.52
C SER A 457 31.24 9.69 8.35
N ALA A 458 30.16 10.49 8.30
CA ALA A 458 29.24 10.40 7.18
C ALA A 458 29.93 10.71 5.86
N LEU A 459 30.89 11.62 5.87
CA LEU A 459 31.63 11.95 4.67
C LEU A 459 32.63 10.87 4.31
N VAL A 460 33.25 10.25 5.31
CA VAL A 460 34.10 9.08 5.05
C VAL A 460 33.27 7.96 4.45
N PHE A 461 32.03 7.80 4.92
CA PHE A 461 31.14 6.79 4.36
C PHE A 461 30.87 7.06 2.89
N ARG A 462 30.56 8.32 2.56
CA ARG A 462 30.29 8.68 1.17
C ARG A 462 31.49 8.38 0.28
N GLU A 463 32.70 8.51 0.82
CA GLU A 463 33.90 8.23 0.03
C GLU A 463 34.08 6.73 -0.18
N ILE A 464 33.81 5.93 0.86
CA ILE A 464 33.90 4.48 0.72
C ILE A 464 32.92 3.98 -0.33
N SER A 465 31.69 4.50 -0.30
CA SER A 465 30.70 4.10 -1.30
C SER A 465 31.04 4.63 -2.68
N LYS A 466 31.60 5.84 -2.75
CA LYS A 466 32.00 6.40 -4.04
C LYS A 466 33.08 5.55 -4.69
N LYS A 467 34.03 5.06 -3.90
CA LYS A 467 35.14 4.28 -4.41
C LYS A 467 34.89 2.78 -4.39
N SER A 468 33.69 2.35 -3.97
CA SER A 468 33.34 0.94 -3.88
C SER A 468 34.38 0.17 -3.06
N GLY A 469 34.73 0.74 -1.92
CA GLY A 469 35.73 0.15 -1.06
C GLY A 469 36.59 1.20 -0.38
N VAL A 470 37.48 0.77 0.50
CA VAL A 470 38.36 1.70 1.23
C VAL A 470 39.50 2.12 0.32
N PRO A 471 39.58 3.38 -0.08
CA PRO A 471 40.73 3.84 -0.86
C PRO A 471 41.99 3.86 -0.01
N GLU A 472 43.15 3.78 -0.68
CA GLU A 472 44.40 3.70 0.06
C GLU A 472 44.64 4.93 0.92
N GLU A 473 44.18 6.10 0.47
CA GLU A 473 44.39 7.32 1.23
C GLU A 473 43.50 7.42 2.47
N LEU A 474 42.60 6.46 2.69
CA LEU A 474 41.77 6.44 3.89
C LEU A 474 42.06 5.24 4.78
N GLU A 475 43.00 4.37 4.40
CA GLU A 475 43.26 3.16 5.17
C GLU A 475 43.89 3.47 6.52
N TRP A 476 44.67 4.54 6.61
CA TRP A 476 45.38 4.86 7.84
C TRP A 476 44.43 5.03 9.02
N LEU A 477 43.16 5.39 8.75
CA LEU A 477 42.22 5.67 9.82
C LEU A 477 41.95 4.43 10.68
N GLY A 478 41.99 3.25 10.09
CA GLY A 478 41.69 2.03 10.82
C GLY A 478 42.86 1.37 11.52
N GLU A 479 44.06 1.94 11.43
CA GLU A 479 45.25 1.25 11.93
C GLU A 479 45.29 1.21 13.45
N ARG A 480 44.66 2.17 14.12
CA ARG A 480 44.66 2.16 15.59
C ARG A 480 43.95 0.95 16.16
N PHE A 481 42.99 0.38 15.41
CA PHE A 481 42.04 -0.56 15.97
C PHE A 481 42.28 -2.01 15.55
N TYR A 482 43.35 -2.29 14.81
CA TYR A 482 43.63 -3.67 14.42
C TYR A 482 44.28 -4.46 15.56
N GLY B 1 1.18 -15.15 -7.63
CA GLY B 1 0.26 -14.37 -8.43
C GLY B 1 0.94 -13.42 -9.38
N MET B 2 0.24 -13.03 -10.44
CA MET B 2 0.78 -12.15 -11.46
C MET B 2 0.41 -10.69 -11.23
N LEU B 3 -0.40 -10.39 -10.24
CA LEU B 3 -0.80 -9.05 -9.86
C LEU B 3 -0.45 -8.79 -8.40
N PRO B 4 -0.41 -7.53 -7.97
CA PRO B 4 -0.25 -7.26 -6.53
C PRO B 4 -1.33 -7.97 -5.73
N LYS B 5 -0.91 -8.59 -4.63
CA LYS B 5 -1.83 -9.44 -3.87
C LYS B 5 -3.00 -8.65 -3.30
N GLY B 6 -2.85 -7.34 -3.12
CA GLY B 6 -3.94 -6.48 -2.70
C GLY B 6 -4.78 -5.91 -3.84
N PHE B 7 -4.56 -6.38 -5.07
CA PHE B 7 -5.31 -5.88 -6.21
C PHE B 7 -6.81 -6.09 -6.01
N ARG B 8 -7.59 -5.08 -6.38
CA ARG B 8 -9.03 -5.08 -6.14
C ARG B 8 -9.77 -5.56 -7.38
N PHE B 9 -10.63 -6.56 -7.19
CA PHE B 9 -11.53 -7.05 -8.24
C PHE B 9 -12.95 -6.76 -7.81
N GLY B 10 -13.75 -6.21 -8.72
CA GLY B 10 -15.10 -5.88 -8.37
C GLY B 10 -15.91 -5.42 -9.56
N PHE B 11 -17.00 -4.71 -9.25
CA PHE B 11 -17.96 -4.25 -10.24
C PHE B 11 -18.30 -2.79 -9.97
N SER B 12 -18.82 -2.13 -10.99
CA SER B 12 -19.36 -0.79 -10.88
C SER B 12 -20.87 -0.84 -11.12
N LEU B 13 -21.56 0.17 -10.58
CA LEU B 13 -23.02 0.17 -10.62
C LEU B 13 -23.53 1.60 -10.55
N ALA B 14 -24.47 1.93 -11.42
CA ALA B 14 -25.19 3.20 -11.36
C ALA B 14 -26.57 2.96 -10.77
N GLY B 15 -26.97 3.85 -9.87
CA GLY B 15 -28.26 3.66 -9.19
C GLY B 15 -29.42 3.64 -10.17
N PHE B 16 -29.48 4.64 -11.06
CA PHE B 16 -30.59 4.71 -12.02
C PHE B 16 -30.68 3.46 -12.88
N GLN B 17 -29.52 2.87 -13.21
CA GLN B 17 -29.50 1.74 -14.13
C GLN B 17 -29.88 0.42 -13.47
N SER B 18 -29.77 0.30 -12.15
CA SER B 18 -29.91 -0.99 -11.50
C SER B 18 -30.93 -1.04 -10.37
N GLU B 19 -31.27 0.09 -9.74
CA GLU B 19 -32.01 0.04 -8.48
C GLU B 19 -33.45 -0.41 -8.68
N MET B 20 -34.16 0.19 -9.63
CA MET B 20 -35.59 -0.03 -9.74
C MET B 20 -35.90 -1.41 -10.31
N GLY B 21 -37.12 -1.88 -10.03
CA GLY B 21 -37.56 -3.17 -10.52
C GLY B 21 -38.65 -3.77 -9.64
N LEU B 22 -38.50 -3.65 -8.33
CA LEU B 22 -39.50 -4.14 -7.40
C LEU B 22 -40.13 -2.98 -6.64
N SER B 23 -39.43 -2.45 -5.64
CA SER B 23 -39.89 -1.32 -4.84
C SER B 23 -39.02 -0.10 -5.13
N GLY B 24 -39.40 1.02 -4.52
CA GLY B 24 -38.62 2.23 -4.61
C GLY B 24 -38.62 2.91 -5.96
N LYS B 25 -39.77 3.00 -6.62
CA LYS B 25 -39.86 3.68 -7.90
C LYS B 25 -39.54 5.16 -7.74
N ASP B 26 -38.65 5.67 -8.59
CA ASP B 26 -38.19 7.05 -8.53
C ASP B 26 -38.48 7.72 -9.86
N GLU B 27 -39.54 8.53 -9.90
CA GLU B 27 -39.91 9.30 -11.08
C GLU B 27 -39.32 10.70 -11.09
N ASN B 28 -38.43 11.01 -10.14
CA ASN B 28 -38.00 12.38 -9.87
C ASN B 28 -36.64 12.71 -10.48
N SER B 29 -36.23 12.00 -11.53
CA SER B 29 -34.98 12.30 -12.21
C SER B 29 -35.26 12.75 -13.64
N ASP B 30 -34.37 13.57 -14.19
CA ASP B 30 -34.51 13.99 -15.57
C ASP B 30 -34.36 12.80 -16.51
N TRP B 31 -33.46 11.87 -16.19
CA TRP B 31 -33.28 10.69 -17.03
C TRP B 31 -34.51 9.80 -17.03
N TYR B 32 -35.24 9.73 -15.91
CA TYR B 32 -36.48 8.98 -15.88
C TYR B 32 -37.48 9.56 -16.87
N GLN B 33 -37.76 10.86 -16.76
CA GLN B 33 -38.70 11.50 -17.68
C GLN B 33 -38.19 11.46 -19.12
N TRP B 34 -36.87 11.49 -19.31
CA TRP B 34 -36.30 11.38 -20.64
C TRP B 34 -36.70 10.07 -21.31
N CYS B 35 -36.73 8.98 -20.54
CA CYS B 35 -37.11 7.67 -21.07
C CYS B 35 -38.62 7.51 -21.23
N HIS B 36 -39.41 8.25 -20.46
CA HIS B 36 -40.86 8.22 -20.58
C HIS B 36 -41.39 9.32 -21.48
N ASP B 37 -40.51 10.13 -22.06
CA ASP B 37 -40.93 11.24 -22.91
C ASP B 37 -41.60 10.71 -24.17
N GLU B 38 -42.84 11.15 -24.41
CA GLU B 38 -43.61 10.63 -25.54
C GLU B 38 -42.92 10.93 -26.86
N TYR B 39 -42.35 12.14 -27.01
CA TYR B 39 -41.66 12.48 -28.24
C TYR B 39 -40.45 11.58 -28.47
N ASN B 40 -39.66 11.33 -27.41
CA ASN B 40 -38.47 10.51 -27.55
C ASN B 40 -38.83 9.07 -27.90
N ILE B 41 -39.93 8.56 -27.35
CA ILE B 41 -40.35 7.19 -27.64
C ILE B 41 -40.83 7.06 -29.08
N LYS B 42 -41.65 8.01 -29.53
CA LYS B 42 -42.24 7.93 -30.86
C LYS B 42 -41.20 8.13 -31.96
N ASN B 43 -40.11 8.82 -31.66
CA ASN B 43 -39.09 9.14 -32.65
C ASN B 43 -37.82 8.30 -32.52
N GLY B 44 -37.80 7.35 -31.60
CA GLY B 44 -36.66 6.45 -31.47
C GLY B 44 -35.46 7.03 -30.78
N VAL B 45 -35.60 8.17 -30.09
CA VAL B 45 -34.48 8.70 -29.32
C VAL B 45 -34.19 7.81 -28.12
N VAL B 46 -35.24 7.32 -27.46
CA VAL B 46 -35.12 6.34 -26.40
C VAL B 46 -35.74 5.04 -26.86
N SER B 47 -35.39 3.95 -26.18
CA SER B 47 -35.79 2.62 -26.62
C SER B 47 -37.26 2.34 -26.37
N GLY B 48 -37.89 3.01 -25.41
CA GLY B 48 -39.22 2.70 -24.97
C GLY B 48 -39.27 1.82 -23.74
N ASP B 49 -38.17 1.16 -23.40
CA ASP B 49 -38.07 0.46 -22.12
C ASP B 49 -38.01 1.47 -20.99
N PHE B 50 -38.56 1.08 -19.84
CA PHE B 50 -38.62 1.99 -18.71
C PHE B 50 -37.75 1.48 -17.56
N PRO B 51 -37.04 2.37 -16.87
CA PRO B 51 -36.10 1.91 -15.84
C PRO B 51 -36.76 1.22 -14.66
N GLU B 52 -38.03 1.53 -14.38
CA GLU B 52 -38.70 0.95 -13.22
C GLU B 52 -38.97 -0.54 -13.36
N ASN B 53 -38.69 -1.13 -14.53
CA ASN B 53 -38.83 -2.57 -14.75
C ASN B 53 -37.47 -3.25 -14.82
N GLY B 54 -36.51 -2.78 -14.03
CA GLY B 54 -35.12 -3.17 -14.15
C GLY B 54 -34.72 -4.26 -13.19
N ALA B 55 -33.44 -4.25 -12.80
CA ALA B 55 -32.81 -5.35 -12.07
C ALA B 55 -33.19 -5.40 -10.60
N ALA B 56 -33.82 -4.35 -10.06
CA ALA B 56 -34.34 -4.34 -8.69
C ALA B 56 -33.22 -4.50 -7.66
N TYR B 57 -32.07 -3.88 -7.94
CA TYR B 57 -30.96 -3.88 -6.99
C TYR B 57 -31.33 -3.17 -5.68
N TRP B 58 -32.35 -2.30 -5.72
CA TRP B 58 -32.84 -1.64 -4.51
C TRP B 58 -33.26 -2.65 -3.44
N ASP B 59 -33.82 -3.79 -3.86
CA ASP B 59 -34.28 -4.82 -2.92
C ASP B 59 -33.41 -6.07 -2.89
N LEU B 60 -32.66 -6.35 -3.96
CA LEU B 60 -31.92 -7.60 -4.09
C LEU B 60 -30.43 -7.43 -3.89
N PHE B 61 -30.00 -6.34 -3.24
CA PHE B 61 -28.58 -6.04 -3.16
C PHE B 61 -27.82 -7.10 -2.36
N ARG B 62 -28.45 -7.70 -1.36
CA ARG B 62 -27.76 -8.73 -0.58
C ARG B 62 -27.47 -9.97 -1.42
N LYS B 63 -28.38 -10.32 -2.32
CA LYS B 63 -28.15 -11.48 -3.19
C LYS B 63 -27.05 -11.20 -4.20
N ASP B 64 -26.98 -9.97 -4.72
CA ASP B 64 -25.96 -9.63 -5.70
C ASP B 64 -24.58 -9.53 -5.04
N HIS B 65 -24.52 -8.97 -3.82
CA HIS B 65 -23.26 -8.91 -3.10
C HIS B 65 -22.72 -10.31 -2.83
N GLU B 66 -23.60 -11.25 -2.51
CA GLU B 66 -23.19 -12.63 -2.27
C GLU B 66 -22.61 -13.26 -3.53
N THR B 67 -23.28 -13.05 -4.67
CA THR B 67 -22.75 -13.56 -5.94
C THR B 67 -21.41 -12.91 -6.25
N ALA B 68 -21.26 -11.62 -5.97
CA ALA B 68 -19.99 -10.94 -6.19
C ALA B 68 -18.87 -11.58 -5.38
N VAL B 69 -19.14 -11.88 -4.10
CA VAL B 69 -18.16 -12.56 -3.27
C VAL B 69 -17.83 -13.92 -3.86
N ASN B 70 -18.84 -14.63 -4.37
CA ASN B 70 -18.64 -15.98 -4.86
C ASN B 70 -17.82 -16.04 -6.14
N ILE B 71 -17.79 -14.97 -6.92
CA ILE B 71 -16.93 -14.91 -8.09
C ILE B 71 -15.65 -14.12 -7.81
N GLY B 72 -15.28 -13.97 -6.54
CA GLY B 72 -13.98 -13.46 -6.19
C GLY B 72 -13.83 -11.95 -6.11
N MET B 73 -14.94 -11.21 -5.99
CA MET B 73 -14.85 -9.76 -5.92
C MET B 73 -14.69 -9.29 -4.49
N ASN B 74 -13.86 -8.26 -4.30
CA ASN B 74 -13.59 -7.70 -2.99
C ASN B 74 -13.73 -6.18 -2.96
N SER B 75 -14.27 -5.58 -4.00
CA SER B 75 -14.42 -4.12 -4.07
C SER B 75 -15.58 -3.80 -5.00
N THR B 76 -15.99 -2.54 -4.98
CA THR B 76 -17.12 -2.10 -5.80
C THR B 76 -17.17 -0.58 -5.82
N ARG B 77 -17.82 -0.06 -6.85
CA ARG B 77 -18.14 1.36 -6.94
C ARG B 77 -19.65 1.50 -7.10
N ILE B 78 -20.30 2.12 -6.13
CA ILE B 78 -21.76 2.26 -6.10
C ILE B 78 -22.09 3.74 -6.29
N GLY B 79 -23.00 4.02 -7.21
CA GLY B 79 -23.49 5.37 -7.44
C GLY B 79 -24.80 5.59 -6.72
N ILE B 80 -24.84 6.64 -5.91
CA ILE B 80 -26.06 7.06 -5.25
C ILE B 80 -26.76 8.09 -6.11
N GLU B 81 -28.08 8.22 -5.92
CA GLU B 81 -28.89 9.07 -6.78
C GLU B 81 -29.24 10.36 -6.05
N TRP B 82 -28.85 11.49 -6.65
CA TRP B 82 -29.21 12.80 -6.13
C TRP B 82 -30.72 12.95 -6.04
N SER B 83 -31.46 12.39 -7.00
CA SER B 83 -32.91 12.51 -7.02
C SER B 83 -33.58 11.75 -5.89
N ARG B 84 -32.91 10.74 -5.34
CA ARG B 84 -33.49 9.99 -4.22
C ARG B 84 -33.26 10.69 -2.89
N ILE B 85 -32.05 11.20 -2.67
CA ILE B 85 -31.71 11.74 -1.35
C ILE B 85 -32.36 13.09 -1.12
N PHE B 86 -32.46 13.91 -2.16
CA PHE B 86 -33.14 15.20 -2.08
C PHE B 86 -34.22 15.26 -3.16
N PRO B 87 -35.41 14.73 -2.89
CA PRO B 87 -36.48 14.78 -3.89
C PRO B 87 -36.98 16.18 -4.19
N THR B 88 -36.85 17.13 -3.27
CA THR B 88 -37.23 18.51 -3.49
C THR B 88 -36.03 19.42 -3.24
N SER B 89 -36.22 20.70 -3.57
CA SER B 89 -35.10 21.62 -3.69
C SER B 89 -34.43 21.90 -2.34
N THR B 90 -33.10 21.99 -2.37
CA THR B 90 -32.30 22.39 -1.23
C THR B 90 -31.88 23.86 -1.30
N GLU B 91 -32.43 24.63 -2.24
CA GLU B 91 -32.05 26.03 -2.38
C GLU B 91 -32.41 26.84 -1.14
N GLY B 92 -33.42 26.41 -0.39
CA GLY B 92 -33.82 27.12 0.81
C GLY B 92 -32.79 27.11 1.92
N VAL B 93 -31.87 26.14 1.90
CA VAL B 93 -30.77 26.12 2.86
C VAL B 93 -29.67 27.04 2.33
N LYS B 94 -29.75 28.32 2.69
CA LYS B 94 -28.79 29.29 2.20
C LYS B 94 -27.44 29.07 2.89
N VAL B 95 -26.42 28.78 2.09
CA VAL B 95 -25.09 28.47 2.58
C VAL B 95 -24.15 29.57 2.10
N ARG B 96 -22.90 29.52 2.55
CA ARG B 96 -21.91 30.52 2.17
C ARG B 96 -21.23 30.09 0.88
N ILE B 97 -21.29 30.95 -0.14
CA ILE B 97 -20.61 30.72 -1.41
C ILE B 97 -19.71 31.91 -1.69
N ASP B 98 -18.46 31.63 -2.06
CA ASP B 98 -17.49 32.66 -2.40
C ASP B 98 -17.37 32.74 -3.91
N ARG B 99 -17.91 33.80 -4.49
CA ARG B 99 -17.75 34.13 -5.90
C ARG B 99 -16.63 35.17 -5.99
N ASP B 100 -15.48 34.77 -6.50
CA ASP B 100 -14.34 35.68 -6.64
C ASP B 100 -14.08 35.88 -8.13
N GLY B 101 -14.91 36.74 -8.72
CA GLY B 101 -14.93 36.96 -10.16
C GLY B 101 -16.24 36.49 -10.76
N ASP B 102 -16.15 35.76 -11.87
CA ASP B 102 -17.29 35.06 -12.44
C ASP B 102 -17.11 33.54 -12.31
N ASN B 103 -16.24 33.10 -11.40
CA ASN B 103 -16.04 31.69 -11.16
C ASN B 103 -16.21 31.39 -9.67
N ILE B 104 -16.74 30.21 -9.39
CA ILE B 104 -17.07 29.82 -8.02
C ILE B 104 -15.80 29.32 -7.35
N THR B 105 -15.26 30.11 -6.43
CA THR B 105 -13.98 29.83 -5.81
C THR B 105 -14.08 29.09 -4.48
N GLY B 106 -15.27 29.04 -3.87
CA GLY B 106 -15.39 28.37 -2.60
C GLY B 106 -16.81 28.27 -2.08
N ILE B 107 -17.15 27.11 -1.52
CA ILE B 107 -18.43 26.90 -0.86
C ILE B 107 -18.16 26.27 0.49
N THR B 108 -18.59 26.94 1.55
CA THR B 108 -18.37 26.50 2.92
C THR B 108 -19.70 26.08 3.52
N ILE B 109 -19.76 24.84 4.00
CA ILE B 109 -20.99 24.28 4.56
C ILE B 109 -20.74 23.94 6.02
N GLU B 110 -21.62 24.43 6.89
CA GLU B 110 -21.46 24.30 8.33
C GLU B 110 -22.28 23.15 8.87
N LYS B 111 -21.94 22.73 10.09
CA LYS B 111 -22.70 21.70 10.79
C LYS B 111 -24.17 22.09 10.91
N SER B 112 -24.44 23.38 11.10
CA SER B 112 -25.81 23.86 11.16
C SER B 112 -26.55 23.58 9.86
N ASP B 113 -25.87 23.74 8.72
CA ASP B 113 -26.51 23.49 7.44
C ASP B 113 -26.75 22.00 7.21
N LEU B 114 -25.86 21.15 7.70
CA LEU B 114 -26.03 19.71 7.51
C LEU B 114 -27.25 19.19 8.24
N GLU B 115 -27.59 19.78 9.39
CA GLU B 115 -28.83 19.41 10.07
C GLU B 115 -30.04 19.99 9.37
N SER B 116 -29.92 21.21 8.82
CA SER B 116 -31.01 21.77 8.04
C SER B 116 -31.23 20.98 6.76
N LEU B 117 -30.15 20.46 6.16
CA LEU B 117 -30.30 19.61 4.99
C LEU B 117 -30.93 18.27 5.34
N LYS B 118 -30.64 17.75 6.53
CA LYS B 118 -31.18 16.45 6.93
C LYS B 118 -32.69 16.48 7.08
N LYS B 119 -33.25 17.62 7.51
CA LYS B 119 -34.69 17.70 7.74
C LYS B 119 -35.50 17.68 6.45
N ILE B 120 -34.90 18.05 5.32
CA ILE B 120 -35.58 18.03 4.04
C ILE B 120 -35.09 16.91 3.14
N CYS B 121 -34.28 16.00 3.67
CA CYS B 121 -33.81 14.86 2.91
C CYS B 121 -34.79 13.70 3.00
N ASN B 122 -34.64 12.75 2.09
CA ASN B 122 -35.44 11.53 2.10
C ASN B 122 -34.76 10.55 3.04
N MET B 123 -35.31 10.41 4.25
CA MET B 123 -34.70 9.53 5.25
C MET B 123 -34.75 8.06 4.83
N ASP B 124 -35.70 7.70 3.97
CA ASP B 124 -35.75 6.33 3.46
C ASP B 124 -34.56 6.04 2.55
N ALA B 125 -34.27 6.98 1.64
CA ALA B 125 -33.15 6.79 0.72
C ALA B 125 -31.83 6.68 1.47
N VAL B 126 -31.61 7.54 2.45
CA VAL B 126 -30.37 7.50 3.22
C VAL B 126 -30.23 6.16 3.92
N LYS B 127 -31.27 5.75 4.68
CA LYS B 127 -31.18 4.52 5.45
C LYS B 127 -31.02 3.29 4.56
N LYS B 128 -31.56 3.33 3.34
CA LYS B 128 -31.37 2.20 2.43
C LYS B 128 -29.92 2.15 1.94
N TYR B 129 -29.35 3.29 1.59
CA TYR B 129 -27.95 3.32 1.18
C TYR B 129 -27.03 2.87 2.30
N ARG B 130 -27.36 3.19 3.55
CA ARG B 130 -26.58 2.69 4.68
C ARG B 130 -26.67 1.17 4.77
N GLU B 131 -27.86 0.61 4.50
CA GLU B 131 -28.02 -0.83 4.50
C GLU B 131 -27.18 -1.48 3.42
N ILE B 132 -27.14 -0.87 2.23
CA ILE B 132 -26.33 -1.40 1.13
C ILE B 132 -24.85 -1.33 1.49
N PHE B 133 -24.41 -0.19 2.02
CA PHE B 133 -22.99 -0.02 2.32
C PHE B 133 -22.57 -0.85 3.52
N MET B 134 -23.45 -1.03 4.50
CA MET B 134 -23.13 -1.88 5.64
C MET B 134 -22.99 -3.34 5.21
N ASP B 135 -23.83 -3.80 4.30
CA ASP B 135 -23.72 -5.17 3.79
C ASP B 135 -22.42 -5.35 3.02
N LEU B 136 -22.05 -4.36 2.20
CA LEU B 136 -20.76 -4.41 1.52
C LEU B 136 -19.61 -4.42 2.53
N LYS B 137 -19.72 -3.60 3.59
CA LYS B 137 -18.69 -3.58 4.62
C LYS B 137 -18.65 -4.90 5.39
N ASP B 138 -19.81 -5.55 5.59
CA ASP B 138 -19.84 -6.85 6.24
C ASP B 138 -19.05 -7.89 5.44
N ARG B 139 -19.04 -7.77 4.11
CA ARG B 139 -18.33 -8.70 3.25
C ARG B 139 -16.91 -8.22 2.92
N ASN B 140 -16.39 -7.25 3.68
CA ASN B 140 -15.01 -6.76 3.52
C ASN B 140 -14.78 -6.17 2.13
N PHE B 141 -15.78 -5.47 1.61
CA PHE B 141 -15.65 -4.82 0.31
C PHE B 141 -14.96 -3.49 0.44
N TYR B 142 -14.05 -3.21 -0.50
CA TYR B 142 -13.50 -1.87 -0.67
C TYR B 142 -14.53 -1.04 -1.42
N MET B 143 -15.12 -0.06 -0.75
CA MET B 143 -16.32 0.62 -1.24
C MET B 143 -15.96 1.99 -1.80
N ILE B 144 -16.34 2.23 -3.06
CA ILE B 144 -16.17 3.54 -3.69
C ILE B 144 -17.55 4.16 -3.84
N LEU B 145 -17.72 5.34 -3.24
CA LEU B 145 -18.98 6.07 -3.31
C LEU B 145 -18.89 7.09 -4.45
N ASN B 146 -19.68 6.88 -5.49
CA ASN B 146 -19.78 7.82 -6.61
C ASN B 146 -21.03 8.67 -6.42
N LEU B 147 -20.84 9.98 -6.28
CA LEU B 147 -21.95 10.87 -5.94
C LEU B 147 -22.89 11.08 -7.11
N PHE B 148 -22.35 11.28 -8.31
CA PHE B 148 -23.13 11.76 -9.45
C PHE B 148 -22.89 10.84 -10.64
N HIS B 149 -23.98 10.45 -11.31
CA HIS B 149 -23.92 9.59 -12.49
C HIS B 149 -25.00 10.05 -13.48
N TRP B 150 -24.79 11.25 -14.04
CA TRP B 150 -25.58 11.82 -15.12
C TRP B 150 -26.97 12.28 -14.69
N SER B 151 -27.75 11.42 -14.02
CA SER B 151 -29.12 11.74 -13.71
C SER B 151 -29.20 12.80 -12.62
N MET B 152 -30.04 13.82 -12.83
CA MET B 152 -30.24 14.91 -11.90
C MET B 152 -31.66 14.91 -11.36
N PRO B 153 -31.89 15.47 -10.17
CA PRO B 153 -33.26 15.65 -9.70
C PRO B 153 -34.04 16.56 -10.65
N LEU B 154 -35.35 16.32 -10.72
CA LEU B 154 -36.18 17.08 -11.65
C LEU B 154 -36.18 18.57 -11.31
N TRP B 155 -36.00 18.92 -10.03
CA TRP B 155 -35.94 20.33 -9.65
C TRP B 155 -34.61 20.98 -9.99
N ILE B 156 -33.60 20.21 -10.37
CA ILE B 156 -32.38 20.77 -10.94
C ILE B 156 -32.49 20.89 -12.44
N ASN B 157 -33.08 19.89 -13.09
CA ASN B 157 -33.24 19.90 -14.55
C ASN B 157 -34.46 19.07 -14.90
N ASP B 158 -35.43 19.70 -15.55
CA ASP B 158 -36.64 19.02 -15.99
C ASP B 158 -36.75 19.12 -17.51
N PRO B 159 -36.50 18.03 -18.26
CA PRO B 159 -36.58 18.12 -19.72
C PRO B 159 -37.99 18.29 -20.25
N ARG B 160 -39.03 18.09 -19.42
CA ARG B 160 -40.39 18.35 -19.88
C ARG B 160 -40.62 19.83 -20.16
N LYS B 161 -39.88 20.71 -19.48
CA LYS B 161 -40.03 22.14 -19.71
C LYS B 161 -39.48 22.56 -21.06
N ARG B 162 -38.53 21.81 -21.62
CA ARG B 162 -37.98 22.15 -22.92
C ARG B 162 -39.05 22.04 -24.01
N GLU B 163 -38.83 22.76 -25.10
CA GLU B 163 -39.64 22.63 -26.30
C GLU B 163 -38.73 22.23 -27.46
N ILE B 164 -39.18 21.25 -28.25
CA ILE B 164 -38.30 20.55 -29.17
C ILE B 164 -38.29 21.20 -30.56
N SER B 165 -38.98 22.32 -30.74
CA SER B 165 -38.78 23.09 -31.97
C SER B 165 -37.35 23.59 -32.10
N LYS B 166 -36.61 23.64 -31.00
CA LYS B 166 -35.16 23.77 -31.00
C LYS B 166 -34.55 22.52 -30.36
N GLY B 167 -33.27 22.59 -30.05
CA GLY B 167 -32.49 21.46 -29.58
C GLY B 167 -33.17 20.44 -28.68
N ASN B 168 -33.19 19.18 -29.11
CA ASN B 168 -33.77 18.09 -28.32
C ASN B 168 -32.66 17.44 -27.52
N ASN B 169 -32.35 18.06 -26.38
CA ASN B 169 -31.26 17.61 -25.52
C ASN B 169 -31.77 17.42 -24.11
N LEU B 170 -31.14 16.49 -23.39
CA LEU B 170 -31.51 16.24 -22.00
C LEU B 170 -31.23 17.45 -21.12
N GLY B 171 -30.06 18.08 -21.31
CA GLY B 171 -29.72 19.28 -20.57
C GLY B 171 -29.25 19.06 -19.16
N ASN B 172 -28.68 17.90 -18.86
CA ASN B 172 -28.22 17.59 -17.49
C ASN B 172 -26.81 18.10 -17.24
N PHE B 173 -26.56 19.38 -17.57
CA PHE B 173 -25.27 20.00 -17.32
C PHE B 173 -25.37 21.00 -16.19
N PHE B 174 -24.21 21.43 -15.71
CA PHE B 174 -24.12 22.27 -14.51
C PHE B 174 -24.14 23.75 -14.86
N SER B 175 -24.85 24.53 -14.05
CA SER B 175 -24.77 25.98 -14.02
C SER B 175 -24.35 26.39 -12.61
N GLU B 176 -24.27 27.71 -12.37
CA GLU B 176 -23.88 28.18 -11.05
C GLU B 176 -24.86 27.69 -9.99
N LYS B 177 -26.16 27.85 -10.25
CA LYS B 177 -27.16 27.34 -9.32
C LYS B 177 -27.01 25.84 -9.11
N SER B 178 -26.61 25.11 -10.16
CA SER B 178 -26.41 23.67 -10.04
C SER B 178 -25.20 23.35 -9.17
N VAL B 179 -24.14 24.15 -9.27
CA VAL B 179 -22.92 23.88 -8.51
C VAL B 179 -23.18 24.04 -7.01
N ILE B 180 -23.89 25.09 -6.62
CA ILE B 180 -24.19 25.32 -5.21
C ILE B 180 -24.89 24.11 -4.61
N GLU B 181 -26.01 23.71 -5.23
CA GLU B 181 -26.80 22.60 -4.68
C GLU B 181 -26.04 21.29 -4.75
N PHE B 182 -25.14 21.13 -5.74
CA PHE B 182 -24.33 19.92 -5.79
C PHE B 182 -23.32 19.88 -4.63
N ALA B 183 -22.80 21.04 -4.22
CA ALA B 183 -21.91 21.09 -3.08
C ALA B 183 -22.63 20.68 -1.80
N LYS B 184 -23.90 21.08 -1.65
CA LYS B 184 -24.69 20.66 -0.51
C LYS B 184 -24.93 19.16 -0.54
N PHE B 185 -25.24 18.61 -1.72
CA PHE B 185 -25.43 17.17 -1.85
C PHE B 185 -24.15 16.42 -1.53
N ALA B 186 -23.00 16.95 -1.96
CA ALA B 186 -21.73 16.30 -1.69
C ALA B 186 -21.41 16.31 -0.20
N ALA B 187 -21.63 17.43 0.48
CA ALA B 187 -21.37 17.50 1.91
C ALA B 187 -22.32 16.59 2.69
N PHE B 188 -23.59 16.59 2.32
CA PHE B 188 -24.55 15.74 3.00
C PHE B 188 -24.27 14.26 2.77
N ALA B 189 -23.67 13.92 1.62
CA ALA B 189 -23.33 12.53 1.35
C ALA B 189 -22.24 12.04 2.28
N ALA B 190 -21.15 12.81 2.39
CA ALA B 190 -20.11 12.45 3.34
C ALA B 190 -20.63 12.46 4.77
N TYR B 191 -21.50 13.43 5.09
CA TYR B 191 -22.07 13.51 6.43
C TYR B 191 -22.89 12.26 6.76
N SER B 192 -23.55 11.66 5.76
CA SER B 192 -24.42 10.53 6.00
C SER B 192 -23.76 9.18 5.78
N PHE B 193 -22.66 9.12 5.03
CA PHE B 193 -22.12 7.84 4.59
C PHE B 193 -20.64 7.61 4.87
N ASP B 194 -19.92 8.60 5.42
CA ASP B 194 -18.47 8.51 5.47
C ASP B 194 -17.99 7.28 6.23
N ASP B 195 -18.69 6.90 7.30
CA ASP B 195 -18.27 5.76 8.10
C ASP B 195 -18.42 4.43 7.38
N LEU B 196 -19.11 4.41 6.23
CA LEU B 196 -19.38 3.17 5.50
C LEU B 196 -18.70 3.11 4.15
N VAL B 197 -17.90 4.12 3.79
CA VAL B 197 -17.25 4.18 2.49
C VAL B 197 -15.74 4.20 2.69
N ASP B 198 -15.02 3.91 1.62
CA ASP B 198 -13.55 3.96 1.63
C ASP B 198 -13.00 5.19 0.93
N VAL B 199 -13.44 5.45 -0.31
CA VAL B 199 -13.04 6.63 -1.07
C VAL B 199 -14.27 7.19 -1.77
N TYR B 200 -14.12 8.42 -2.27
CA TYR B 200 -15.19 9.12 -2.96
C TYR B 200 -14.84 9.36 -4.41
N SER B 201 -15.87 9.39 -5.25
CA SER B 201 -15.78 9.94 -6.60
C SER B 201 -16.92 10.93 -6.77
N THR B 202 -16.57 12.15 -7.17
CA THR B 202 -17.58 13.21 -7.24
C THR B 202 -18.61 12.94 -8.33
N MET B 203 -18.17 12.37 -9.46
CA MET B 203 -19.04 12.23 -10.62
C MET B 203 -18.48 11.15 -11.54
N ASN B 204 -19.34 10.65 -12.41
CA ASN B 204 -19.00 9.58 -13.34
C ASN B 204 -19.11 10.11 -14.77
N GLU B 205 -18.03 9.98 -15.52
CA GLU B 205 -17.98 10.36 -16.93
C GLU B 205 -18.62 11.73 -17.19
N PRO B 206 -18.05 12.81 -16.63
CA PRO B 206 -18.63 14.14 -16.89
C PRO B 206 -18.51 14.54 -18.35
N ASN B 207 -17.47 14.08 -19.04
CA ASN B 207 -17.23 14.50 -20.41
C ASN B 207 -18.31 14.00 -21.36
N VAL B 208 -18.93 12.86 -21.05
CA VAL B 208 -20.05 12.40 -21.87
C VAL B 208 -21.17 13.44 -21.86
N VAL B 209 -21.37 14.13 -20.75
CA VAL B 209 -22.43 15.11 -20.64
C VAL B 209 -22.04 16.42 -21.33
N PHE B 210 -20.91 17.01 -20.90
CA PHE B 210 -20.57 18.33 -21.44
C PHE B 210 -19.96 18.27 -22.83
N SER B 211 -19.95 17.10 -23.48
CA SER B 211 -19.60 17.01 -24.89
C SER B 211 -20.81 17.08 -25.80
N GLY B 212 -22.02 16.94 -25.25
CA GLY B 212 -23.23 16.94 -26.05
C GLY B 212 -23.98 18.26 -26.00
N GLY B 213 -24.89 18.42 -26.95
CA GLY B 213 -25.73 19.61 -27.01
C GLY B 213 -24.97 20.91 -27.17
N ASN B 214 -23.81 20.88 -27.82
CA ASN B 214 -23.00 22.07 -27.99
C ASN B 214 -23.08 22.66 -29.39
N ASN B 215 -23.58 21.91 -30.37
CA ASN B 215 -23.86 22.42 -31.71
C ASN B 215 -22.59 22.94 -32.39
N ASN B 216 -21.52 22.15 -32.32
CA ASN B 216 -20.26 22.44 -33.01
C ASN B 216 -19.64 23.75 -32.54
N SER B 217 -19.87 24.12 -31.28
CA SER B 217 -19.29 25.32 -30.69
C SER B 217 -18.29 24.90 -29.61
N GLU B 218 -17.01 25.22 -29.85
CA GLU B 218 -16.01 24.93 -28.83
C GLU B 218 -16.21 25.79 -27.59
N LYS B 219 -16.77 26.99 -27.74
CA LYS B 219 -16.97 27.86 -26.58
C LYS B 219 -18.00 27.29 -25.64
N LYS B 220 -19.16 26.90 -26.16
CA LYS B 220 -20.17 26.25 -25.34
C LYS B 220 -19.62 24.98 -24.71
N TYR B 221 -18.69 24.30 -25.38
CA TYR B 221 -18.11 23.08 -24.84
C TYR B 221 -17.23 23.37 -23.64
N TYR B 222 -16.33 24.36 -23.75
CA TYR B 222 -15.43 24.67 -22.65
C TYR B 222 -16.16 25.41 -21.54
N SER B 223 -17.12 26.27 -21.90
CA SER B 223 -17.93 26.93 -20.88
C SER B 223 -18.72 25.92 -20.07
N LYS B 224 -19.20 24.86 -20.72
CA LYS B 224 -19.90 23.80 -20.01
C LYS B 224 -18.95 23.01 -19.12
N MET B 225 -17.75 22.72 -19.62
CA MET B 225 -16.80 21.93 -18.84
C MET B 225 -16.33 22.69 -17.60
N LYS B 226 -16.30 24.02 -17.66
CA LYS B 226 -15.89 24.81 -16.52
C LYS B 226 -16.79 24.56 -15.31
N PHE B 227 -18.10 24.47 -15.53
CA PHE B 227 -19.02 24.27 -14.41
C PHE B 227 -18.85 22.88 -13.80
N PHE B 228 -18.57 21.88 -14.64
CA PHE B 228 -18.27 20.55 -14.10
C PHE B 228 -16.97 20.56 -13.29
N ILE B 229 -15.98 21.34 -13.74
CA ILE B 229 -14.73 21.47 -12.99
C ILE B 229 -15.01 22.07 -11.62
N GLU B 230 -15.82 23.13 -11.58
CA GLU B 230 -16.15 23.75 -10.30
C GLU B 230 -17.07 22.86 -9.47
N ALA B 231 -18.01 22.18 -10.11
CA ALA B 231 -18.85 21.24 -9.38
C ALA B 231 -18.02 20.14 -8.73
N HIS B 232 -16.91 19.75 -9.35
CA HIS B 232 -16.03 18.75 -8.75
C HIS B 232 -15.19 19.34 -7.62
N ALA B 233 -14.55 20.48 -7.88
CA ALA B 233 -13.66 21.06 -6.87
C ALA B 233 -14.43 21.50 -5.63
N ARG B 234 -15.63 22.07 -5.82
CA ARG B 234 -16.42 22.47 -4.66
C ARG B 234 -16.99 21.26 -3.93
N ALA B 235 -17.29 20.18 -4.66
CA ALA B 235 -17.66 18.94 -4.00
C ALA B 235 -16.47 18.38 -3.21
N TYR B 236 -15.27 18.47 -3.78
CA TYR B 236 -14.07 18.02 -3.08
C TYR B 236 -13.90 18.74 -1.74
N ASP B 237 -14.02 20.07 -1.76
CA ASP B 237 -13.79 20.85 -0.55
C ASP B 237 -14.81 20.50 0.53
N CYS B 238 -16.08 20.37 0.16
CA CYS B 238 -17.11 20.11 1.17
C CYS B 238 -17.04 18.68 1.70
N ILE B 239 -16.56 17.73 0.89
CA ILE B 239 -16.29 16.40 1.43
C ILE B 239 -15.07 16.43 2.33
N ARG B 240 -14.01 17.11 1.88
CA ARG B 240 -12.77 17.16 2.66
C ARG B 240 -12.98 17.82 4.02
N THR B 241 -13.96 18.73 4.13
CA THR B 241 -14.28 19.33 5.42
C THR B 241 -14.77 18.28 6.41
N ILE B 242 -15.43 17.24 5.93
CA ILE B 242 -16.02 16.22 6.79
C ILE B 242 -15.15 14.97 6.87
N SER B 243 -14.53 14.57 5.76
CA SER B 243 -13.84 13.30 5.67
C SER B 243 -12.37 13.49 5.30
N ARG B 244 -11.54 12.56 5.75
CA ARG B 244 -10.12 12.54 5.40
C ARG B 244 -9.79 11.49 4.34
N LYS B 245 -10.81 10.85 3.77
CA LYS B 245 -10.58 9.80 2.79
C LYS B 245 -10.36 10.39 1.41
N ARG B 246 -9.81 9.57 0.52
CA ARG B 246 -9.47 10.03 -0.83
C ARG B 246 -10.71 10.38 -1.63
N ILE B 247 -10.61 11.48 -2.38
CA ILE B 247 -11.69 11.95 -3.25
C ILE B 247 -11.13 12.03 -4.66
N GLY B 248 -11.88 11.49 -5.62
CA GLY B 248 -11.43 11.51 -7.00
C GLY B 248 -12.55 11.76 -8.00
N VAL B 249 -12.32 11.35 -9.24
CA VAL B 249 -13.32 11.50 -10.30
C VAL B 249 -13.21 10.29 -11.22
N ILE B 250 -14.34 9.91 -11.82
CA ILE B 250 -14.39 8.82 -12.77
C ILE B 250 -14.64 9.41 -14.15
N TYR B 251 -13.74 9.13 -15.09
CA TYR B 251 -13.71 9.79 -16.38
C TYR B 251 -13.88 8.77 -17.50
N ALA B 252 -14.52 9.20 -18.59
CA ALA B 252 -14.61 8.40 -19.80
C ALA B 252 -13.36 8.61 -20.64
N ASN B 253 -12.69 7.51 -20.98
CA ASN B 253 -11.39 7.57 -21.66
C ASN B 253 -11.45 6.80 -22.97
N GLU B 254 -12.06 7.41 -23.98
CA GLU B 254 -11.90 6.91 -25.33
C GLU B 254 -10.46 7.13 -25.76
N HIS B 255 -9.80 6.07 -26.23
CA HIS B 255 -8.39 6.19 -26.60
C HIS B 255 -8.29 6.90 -27.95
N ILE B 256 -7.68 8.07 -27.94
CA ILE B 256 -7.60 8.91 -29.13
C ILE B 256 -6.36 8.55 -29.92
N GLU B 257 -6.53 8.32 -31.22
CA GLU B 257 -5.43 7.94 -32.11
C GLU B 257 -5.61 8.63 -33.45
N SER B 258 -4.54 8.63 -34.24
CA SER B 258 -4.59 8.95 -35.65
C SER B 258 -4.36 7.66 -36.44
N LEU B 259 -4.66 7.72 -37.74
CA LEU B 259 -4.52 6.54 -38.58
C LEU B 259 -3.05 6.20 -38.78
N GLU B 260 -2.69 4.95 -38.49
CA GLU B 260 -1.29 4.50 -38.44
C GLU B 260 -0.42 5.42 -37.59
N ASN B 261 -1.05 6.10 -36.61
CA ASN B 261 -0.38 7.11 -35.79
C ASN B 261 0.32 8.14 -36.68
N SER B 262 -0.41 8.65 -37.67
CA SER B 262 0.19 9.57 -38.63
C SER B 262 0.39 10.96 -38.03
N ASP B 263 -0.53 11.39 -37.16
CA ASP B 263 -0.56 12.76 -36.65
C ASP B 263 -0.48 12.73 -35.12
N PRO B 264 0.72 12.62 -34.56
CA PRO B 264 0.84 12.68 -33.09
C PRO B 264 0.43 14.02 -32.51
N GLU B 265 0.66 15.12 -33.23
CA GLU B 265 0.30 16.44 -32.72
C GLU B 265 -1.22 16.59 -32.63
N LEU B 266 -1.95 16.09 -33.62
CA LEU B 266 -3.41 16.14 -33.55
C LEU B 266 -3.93 15.31 -32.38
N VAL B 267 -3.33 14.15 -32.13
CA VAL B 267 -3.72 13.33 -30.99
C VAL B 267 -3.45 14.09 -29.70
N GLU B 268 -2.34 14.83 -29.65
CA GLU B 268 -2.04 15.64 -28.47
C GLU B 268 -3.12 16.70 -28.25
N GLU B 269 -3.56 17.36 -29.33
CA GLU B 269 -4.57 18.40 -29.19
C GLU B 269 -5.91 17.82 -28.73
N VAL B 270 -6.34 16.73 -29.35
CA VAL B 270 -7.65 16.16 -29.03
C VAL B 270 -7.64 15.55 -27.63
N THR B 271 -6.52 14.95 -27.23
CA THR B 271 -6.45 14.36 -25.90
C THR B 271 -6.45 15.43 -24.81
N TRP B 272 -5.85 16.59 -25.06
CA TRP B 272 -5.99 17.69 -24.12
C TRP B 272 -7.43 18.20 -24.10
N ARG B 273 -8.04 18.35 -25.28
CA ARG B 273 -9.41 18.86 -25.35
C ARG B 273 -10.38 17.94 -24.62
N ASN B 274 -10.28 16.63 -24.87
CA ASN B 274 -11.24 15.68 -24.36
C ASN B 274 -10.94 15.19 -22.95
N ARG B 275 -9.70 15.35 -22.47
CA ARG B 275 -9.31 14.72 -21.22
C ARG B 275 -8.49 15.64 -20.33
N TYR B 276 -7.30 16.03 -20.80
CA TYR B 276 -6.34 16.70 -19.92
C TYR B 276 -6.78 18.12 -19.56
N SER B 277 -7.59 18.77 -20.40
CA SER B 277 -8.10 20.09 -20.02
C SER B 277 -8.91 20.02 -18.74
N PHE B 278 -9.71 18.97 -18.58
CA PHE B 278 -10.51 18.80 -17.37
C PHE B 278 -9.63 18.35 -16.20
N ILE B 279 -8.77 17.36 -16.44
CA ILE B 279 -8.05 16.73 -15.32
C ILE B 279 -6.96 17.65 -14.80
N ASP B 280 -6.28 18.39 -15.69
CA ASP B 280 -5.28 19.36 -15.24
C ASP B 280 -5.89 20.38 -14.29
N SER B 281 -7.11 20.83 -14.59
CA SER B 281 -7.74 21.88 -13.81
C SER B 281 -7.88 21.48 -12.35
N ILE B 282 -8.36 20.25 -12.09
CA ILE B 282 -8.66 19.83 -10.74
C ILE B 282 -7.47 19.17 -10.03
N LYS B 283 -6.34 18.99 -10.73
CA LYS B 283 -5.16 18.41 -10.12
C LYS B 283 -4.09 19.45 -9.81
N SER B 284 -3.67 20.22 -10.82
CA SER B 284 -2.62 21.21 -10.66
C SER B 284 -3.15 22.64 -10.61
N GLY B 285 -4.46 22.83 -10.80
CA GLY B 285 -5.03 24.17 -10.82
C GLY B 285 -4.87 24.91 -12.13
N LYS B 286 -4.10 24.37 -13.08
CA LYS B 286 -3.93 25.00 -14.38
C LYS B 286 -5.18 24.69 -15.21
N THR B 287 -6.08 25.66 -15.30
CA THR B 287 -7.31 25.49 -16.06
C THR B 287 -7.34 26.45 -17.25
N PHE B 288 -8.52 26.81 -17.72
CA PHE B 288 -8.67 27.63 -18.90
C PHE B 288 -9.73 28.69 -18.67
N SER B 289 -9.83 29.63 -19.61
CA SER B 289 -10.77 30.74 -19.53
C SER B 289 -11.47 30.92 -20.87
N THR B 290 -12.78 31.10 -20.81
CA THR B 290 -13.58 31.42 -21.99
C THR B 290 -13.92 32.91 -22.08
N LYS B 291 -13.40 33.72 -21.15
CA LYS B 291 -13.83 35.11 -21.06
C LYS B 291 -13.46 35.90 -22.31
N ASN B 292 -12.32 35.59 -22.92
CA ASN B 292 -11.87 36.27 -24.13
C ASN B 292 -12.07 35.43 -25.39
N MET B 293 -12.88 34.37 -25.32
CA MET B 293 -12.98 33.43 -26.42
C MET B 293 -14.04 33.94 -27.39
N GLU B 294 -13.62 34.22 -28.63
CA GLU B 294 -14.55 34.64 -29.66
C GLU B 294 -15.43 33.46 -30.08
N GLU B 295 -16.42 33.76 -30.93
CA GLU B 295 -17.49 32.80 -31.18
C GLU B 295 -17.01 31.54 -31.92
N ASN B 296 -15.99 31.67 -32.78
CA ASN B 296 -15.50 30.55 -33.57
C ASN B 296 -14.06 30.19 -33.21
N SER B 297 -13.58 30.64 -32.05
CA SER B 297 -12.25 30.26 -31.61
C SER B 297 -12.20 28.77 -31.28
N ARG B 298 -11.09 28.13 -31.62
CA ARG B 298 -10.95 26.70 -31.35
C ARG B 298 -10.47 26.43 -29.94
N TRP B 299 -9.65 27.32 -29.38
CA TRP B 299 -9.07 27.10 -28.06
C TRP B 299 -9.45 28.22 -27.11
N PRO B 300 -9.55 27.92 -25.81
CA PRO B 300 -9.63 28.98 -24.80
C PRO B 300 -8.23 29.40 -24.38
N GLU B 301 -8.18 30.46 -23.57
CA GLU B 301 -6.92 30.88 -22.97
C GLU B 301 -6.46 29.81 -21.99
N LYS B 302 -5.27 29.25 -22.22
CA LYS B 302 -4.76 28.16 -21.42
C LYS B 302 -3.86 28.70 -20.31
N ASN B 303 -3.40 27.78 -19.45
CA ASN B 303 -2.47 28.08 -18.37
C ASN B 303 -3.00 29.15 -17.43
N VAL B 304 -4.27 29.02 -17.06
CA VAL B 304 -4.90 29.89 -16.06
C VAL B 304 -4.88 29.14 -14.74
N PHE B 305 -4.17 29.69 -13.76
CA PHE B 305 -4.04 29.04 -12.46
C PHE B 305 -5.10 29.55 -11.51
N ARG B 306 -5.78 28.62 -10.84
CA ARG B 306 -6.78 28.94 -9.82
C ARG B 306 -6.43 28.18 -8.55
N LYS B 307 -6.24 28.92 -7.45
CA LYS B 307 -5.86 28.30 -6.19
C LYS B 307 -6.95 27.37 -5.67
N ASP B 308 -8.21 27.65 -5.99
CA ASP B 308 -9.33 26.86 -5.51
C ASP B 308 -9.50 25.54 -6.27
N LEU B 309 -8.72 25.31 -7.31
CA LEU B 309 -8.78 24.06 -8.06
C LEU B 309 -7.55 23.19 -7.87
N GLU B 310 -6.48 23.72 -7.28
CA GLU B 310 -5.24 22.98 -7.15
C GLU B 310 -5.36 21.91 -6.07
N ASN B 311 -4.81 20.72 -6.36
CA ASN B 311 -4.76 19.60 -5.41
C ASN B 311 -6.16 19.16 -5.01
N ARG B 312 -7.03 18.97 -6.00
CA ARG B 312 -8.39 18.50 -5.78
C ARG B 312 -8.63 17.14 -6.43
N LEU B 313 -7.57 16.35 -6.59
CA LEU B 313 -7.66 15.04 -7.23
C LEU B 313 -6.73 14.08 -6.51
N ASP B 314 -7.30 13.13 -5.77
CA ASP B 314 -6.50 12.15 -5.04
C ASP B 314 -6.31 10.86 -5.81
N TRP B 315 -7.27 10.48 -6.65
CA TRP B 315 -7.15 9.28 -7.47
C TRP B 315 -7.98 9.46 -8.73
N ILE B 316 -7.72 8.61 -9.72
CA ILE B 316 -8.36 8.70 -11.02
C ILE B 316 -9.05 7.38 -11.33
N GLY B 317 -10.32 7.44 -11.68
CA GLY B 317 -11.07 6.26 -12.10
C GLY B 317 -11.14 6.15 -13.60
N VAL B 318 -10.48 5.14 -14.16
CA VAL B 318 -10.35 5.01 -15.60
C VAL B 318 -11.45 4.11 -16.13
N ASN B 319 -12.42 4.70 -16.83
CA ASN B 319 -13.37 3.95 -17.64
C ASN B 319 -12.79 3.79 -19.04
N TYR B 320 -12.76 2.55 -19.53
CA TYR B 320 -12.29 2.32 -20.89
C TYR B 320 -13.15 1.27 -21.57
N TYR B 321 -13.53 1.55 -22.81
CA TYR B 321 -14.27 0.59 -23.63
C TYR B 321 -13.69 0.44 -25.03
N SER B 322 -13.32 1.52 -25.69
CA SER B 322 -12.87 1.44 -27.08
C SER B 322 -12.02 2.67 -27.40
N ARG B 323 -11.62 2.79 -28.66
CA ARG B 323 -10.75 3.86 -29.13
C ARG B 323 -11.55 4.89 -29.92
N TYR B 324 -10.83 5.87 -30.47
CA TYR B 324 -11.46 7.03 -31.10
C TYR B 324 -10.44 7.60 -32.08
N VAL B 325 -10.60 7.28 -33.36
CA VAL B 325 -9.62 7.66 -34.39
C VAL B 325 -10.05 8.98 -35.01
N VAL B 326 -9.13 9.95 -35.04
CA VAL B 326 -9.43 11.30 -35.49
C VAL B 326 -8.50 11.66 -36.65
N ARG B 327 -8.98 12.60 -37.47
CA ARG B 327 -8.25 13.08 -38.63
C ARG B 327 -8.42 14.59 -38.71
N ARG B 328 -7.36 15.28 -39.10
CA ARG B 328 -7.36 16.74 -39.09
C ARG B 328 -8.17 17.28 -40.27
N ILE B 329 -9.05 18.24 -39.97
CA ILE B 329 -9.70 19.07 -40.98
C ILE B 329 -9.30 20.52 -40.72
N GLU B 330 -9.58 21.38 -41.70
CA GLU B 330 -9.25 22.79 -41.53
C GLU B 330 -10.06 23.45 -40.43
N SER B 331 -11.23 22.91 -40.10
CA SER B 331 -12.02 23.40 -38.98
C SER B 331 -11.56 22.85 -37.64
N GLY B 332 -10.61 21.91 -37.64
CA GLY B 332 -10.17 21.27 -36.42
C GLY B 332 -9.88 19.80 -36.62
N PHE B 333 -10.85 18.95 -36.31
CA PHE B 333 -10.67 17.52 -36.48
C PHE B 333 -12.04 16.86 -36.63
N GLU B 334 -12.05 15.70 -37.28
CA GLU B 334 -13.23 14.87 -37.40
C GLU B 334 -12.88 13.45 -37.03
N ALA B 335 -13.86 12.72 -36.52
CA ALA B 335 -13.67 11.33 -36.13
C ALA B 335 -14.08 10.42 -37.28
N ILE B 336 -13.30 9.36 -37.48
CA ILE B 336 -13.48 8.46 -38.62
C ILE B 336 -14.37 7.30 -38.22
N ASP B 337 -15.41 7.06 -39.01
CA ASP B 337 -16.28 5.91 -38.80
C ASP B 337 -15.53 4.62 -39.10
N GLY B 338 -16.00 3.53 -38.50
CA GLY B 338 -15.39 2.24 -38.69
C GLY B 338 -14.30 1.89 -37.71
N TYR B 339 -14.02 2.75 -36.73
CA TYR B 339 -13.02 2.48 -35.71
C TYR B 339 -13.58 2.81 -34.34
N GLY B 340 -13.22 2.01 -33.35
CA GLY B 340 -13.52 2.35 -31.98
C GLY B 340 -15.01 2.42 -31.70
N PHE B 341 -15.42 3.51 -31.05
CA PHE B 341 -16.82 3.69 -30.68
C PHE B 341 -17.73 3.88 -31.88
N LEU B 342 -17.20 4.28 -33.03
CA LEU B 342 -18.00 4.63 -34.20
C LEU B 342 -18.10 3.47 -35.18
N CYS B 343 -18.51 2.29 -34.70
CA CYS B 343 -18.69 1.12 -35.55
C CYS B 343 -20.15 0.70 -35.64
N SER B 344 -21.08 1.56 -35.21
CA SER B 344 -22.49 1.26 -35.35
C SER B 344 -22.85 1.12 -36.83
N GLY B 345 -23.43 -0.03 -37.18
CA GLY B 345 -23.71 -0.36 -38.56
C GLY B 345 -22.59 -1.07 -39.27
N TYR B 346 -21.49 -1.36 -38.57
CA TYR B 346 -20.36 -2.11 -39.12
C TYR B 346 -20.33 -3.50 -38.50
N GLU B 347 -20.32 -4.53 -39.34
CA GLU B 347 -20.17 -5.89 -38.82
C GLU B 347 -18.82 -6.07 -38.13
N LYS B 348 -17.74 -5.66 -38.81
CA LYS B 348 -16.41 -5.62 -38.24
C LYS B 348 -15.81 -4.25 -38.51
N SER B 349 -14.87 -3.84 -37.66
CA SER B 349 -14.23 -2.55 -37.83
C SER B 349 -13.36 -2.53 -39.08
N LYS B 350 -12.96 -1.32 -39.49
CA LYS B 350 -12.07 -1.19 -40.64
C LYS B 350 -10.70 -1.77 -40.36
N ASP B 351 -10.35 -1.98 -39.10
CA ASP B 351 -9.15 -2.71 -38.73
C ASP B 351 -9.37 -4.22 -38.69
N GLY B 352 -10.59 -4.67 -38.99
CA GLY B 352 -10.89 -6.09 -38.98
C GLY B 352 -11.16 -6.68 -37.62
N ARG B 353 -11.47 -5.84 -36.63
CA ARG B 353 -11.66 -6.31 -35.26
C ARG B 353 -13.14 -6.49 -34.95
N VAL B 354 -13.39 -7.28 -33.89
CA VAL B 354 -14.76 -7.58 -33.49
C VAL B 354 -15.46 -6.30 -33.02
N VAL B 355 -16.72 -6.14 -33.41
CA VAL B 355 -17.55 -5.01 -33.01
C VAL B 355 -18.65 -5.54 -32.10
N SER B 356 -18.80 -4.91 -30.93
CA SER B 356 -19.73 -5.38 -29.92
C SER B 356 -21.17 -5.11 -30.33
N GLU B 357 -22.11 -5.49 -29.45
CA GLU B 357 -23.52 -5.23 -29.68
C GLU B 357 -23.91 -3.79 -29.38
N MET B 358 -23.00 -2.99 -28.85
CA MET B 358 -23.16 -1.54 -28.78
C MET B 358 -22.67 -0.84 -30.03
N GLY B 359 -22.05 -1.57 -30.96
CA GLY B 359 -21.35 -0.95 -32.06
C GLY B 359 -19.97 -0.46 -31.70
N TRP B 360 -19.34 -1.04 -30.69
CA TRP B 360 -18.04 -0.62 -30.20
C TRP B 360 -16.98 -1.65 -30.60
N GLU B 361 -15.90 -1.16 -31.20
CA GLU B 361 -14.80 -2.05 -31.59
C GLU B 361 -14.02 -2.50 -30.35
N ILE B 362 -13.73 -3.80 -30.29
CA ILE B 362 -12.88 -4.31 -29.22
C ILE B 362 -11.44 -3.91 -29.50
N TYR B 363 -10.80 -3.25 -28.52
CA TYR B 363 -9.47 -2.68 -28.71
C TYR B 363 -8.79 -2.60 -27.35
N PRO B 364 -8.24 -3.72 -26.87
CA PRO B 364 -7.65 -3.73 -25.52
C PRO B 364 -6.43 -2.84 -25.37
N GLN B 365 -5.66 -2.63 -26.45
CA GLN B 365 -4.43 -1.84 -26.35
C GLN B 365 -4.70 -0.42 -25.88
N GLY B 366 -5.88 0.12 -26.19
CA GLY B 366 -6.21 1.46 -25.74
C GLY B 366 -6.18 1.62 -24.24
N LEU B 367 -6.55 0.57 -23.50
CA LEU B 367 -6.51 0.64 -22.05
C LEU B 367 -5.08 0.82 -21.55
N TYR B 368 -4.12 0.12 -22.16
CA TYR B 368 -2.73 0.30 -21.78
C TYR B 368 -2.26 1.72 -22.05
N ASP B 369 -2.54 2.24 -23.25
CA ASP B 369 -2.08 3.57 -23.61
C ASP B 369 -2.70 4.64 -22.72
N VAL B 370 -3.98 4.47 -22.37
CA VAL B 370 -4.64 5.45 -21.50
C VAL B 370 -4.01 5.41 -20.10
N LEU B 371 -3.79 4.22 -19.57
CA LEU B 371 -3.22 4.09 -18.23
C LEU B 371 -1.82 4.69 -18.17
N MET B 372 -1.01 4.47 -19.21
CA MET B 372 0.35 4.98 -19.21
C MET B 372 0.36 6.50 -19.40
N GLY B 373 -0.56 7.02 -20.20
CA GLY B 373 -0.65 8.47 -20.35
C GLY B 373 -1.04 9.16 -19.06
N TYR B 374 -1.94 8.56 -18.29
CA TYR B 374 -2.31 9.10 -16.99
C TYR B 374 -1.12 9.02 -16.02
N GLN B 375 -0.38 7.91 -16.06
CA GLN B 375 0.75 7.72 -15.15
C GLN B 375 1.82 8.79 -15.38
N GLU B 376 2.12 9.08 -16.65
CA GLU B 376 3.19 10.02 -16.96
C GLU B 376 2.81 11.45 -16.60
N ARG B 377 1.55 11.82 -16.76
CA ARG B 377 1.15 13.22 -16.57
C ARG B 377 0.93 13.54 -15.10
N TYR B 378 0.34 12.62 -14.33
CA TYR B 378 -0.09 12.92 -12.97
C TYR B 378 0.54 12.04 -11.91
N SER B 379 0.90 10.79 -12.24
CA SER B 379 1.48 9.85 -11.27
C SER B 379 0.58 9.68 -10.04
N LEU B 380 -0.72 9.65 -10.27
CA LEU B 380 -1.72 9.49 -9.22
C LEU B 380 -2.18 8.04 -9.14
N PRO B 381 -2.71 7.62 -7.99
CA PRO B 381 -3.30 6.28 -7.90
C PRO B 381 -4.49 6.16 -8.84
N MET B 382 -4.60 5.02 -9.49
CA MET B 382 -5.62 4.80 -10.50
C MET B 382 -6.38 3.52 -10.23
N MET B 383 -7.66 3.52 -10.62
CA MET B 383 -8.50 2.33 -10.62
C MET B 383 -9.23 2.27 -11.94
N VAL B 384 -9.20 1.12 -12.60
CA VAL B 384 -10.05 0.91 -13.76
C VAL B 384 -11.48 0.73 -13.26
N THR B 385 -12.31 1.77 -13.42
CA THR B 385 -13.63 1.79 -12.81
C THR B 385 -14.72 1.19 -13.68
N GLU B 386 -14.49 1.07 -14.99
CA GLU B 386 -15.46 0.46 -15.89
C GLU B 386 -14.74 -0.22 -17.04
N ASN B 387 -15.16 -1.45 -17.35
CA ASN B 387 -14.68 -2.17 -18.51
C ASN B 387 -15.59 -3.37 -18.76
N GLY B 388 -16.20 -3.43 -19.93
CA GLY B 388 -17.14 -4.50 -20.24
C GLY B 388 -17.60 -4.39 -21.67
N ILE B 389 -18.53 -5.27 -22.02
CA ILE B 389 -19.00 -5.37 -23.40
C ILE B 389 -20.46 -5.81 -23.39
N ALA B 390 -21.24 -5.21 -24.30
CA ALA B 390 -22.59 -5.69 -24.56
C ALA B 390 -22.50 -7.02 -25.30
N ASP B 391 -22.85 -8.11 -24.61
CA ASP B 391 -22.65 -9.45 -25.15
C ASP B 391 -23.61 -10.38 -24.41
N ASP B 392 -24.82 -10.55 -24.96
CA ASP B 392 -25.83 -11.35 -24.28
C ASP B 392 -25.43 -12.81 -24.20
N MET B 393 -24.88 -13.37 -25.28
CA MET B 393 -24.55 -14.79 -25.35
C MET B 393 -23.15 -15.11 -24.86
N ASP B 394 -22.44 -14.14 -24.26
CA ASP B 394 -21.11 -14.35 -23.72
C ASP B 394 -20.12 -14.86 -24.77
N ARG B 395 -20.32 -14.46 -26.02
CA ARG B 395 -19.47 -14.94 -27.10
C ARG B 395 -18.07 -14.35 -27.03
N TYR B 396 -17.96 -13.08 -26.60
CA TYR B 396 -16.70 -12.37 -26.61
C TYR B 396 -16.20 -11.98 -25.22
N ARG B 397 -17.09 -11.84 -24.24
CA ARG B 397 -16.69 -11.32 -22.94
C ARG B 397 -15.57 -12.11 -22.26
N PRO B 398 -15.50 -13.45 -22.34
CA PRO B 398 -14.36 -14.14 -21.70
C PRO B 398 -13.00 -13.65 -22.18
N GLY B 399 -12.80 -13.58 -23.51
CA GLY B 399 -11.54 -13.06 -24.02
C GLY B 399 -11.40 -11.56 -23.85
N PHE B 400 -12.53 -10.83 -23.90
CA PHE B 400 -12.52 -9.40 -23.59
C PHE B 400 -11.94 -9.16 -22.20
N LEU B 401 -12.41 -9.91 -21.21
CA LEU B 401 -11.91 -9.78 -19.85
C LEU B 401 -10.42 -10.10 -19.77
N ILE B 402 -9.99 -11.16 -20.45
CA ILE B 402 -8.59 -11.59 -20.38
C ILE B 402 -7.69 -10.55 -21.02
N SER B 403 -8.03 -10.10 -22.23
CA SER B 403 -7.16 -9.22 -22.98
C SER B 403 -7.00 -7.87 -22.29
N HIS B 404 -8.07 -7.36 -21.68
CA HIS B 404 -7.97 -6.08 -20.99
C HIS B 404 -7.25 -6.20 -19.66
N MET B 405 -7.34 -7.36 -19.01
CA MET B 405 -6.57 -7.56 -17.78
C MET B 405 -5.08 -7.68 -18.09
N LYS B 406 -4.73 -8.34 -19.19
CA LYS B 406 -3.33 -8.43 -19.59
C LYS B 406 -2.76 -7.04 -19.85
N MET B 407 -3.56 -6.14 -20.40
CA MET B 407 -3.12 -4.76 -20.58
C MET B 407 -2.87 -4.08 -19.24
N ILE B 408 -3.66 -4.41 -18.22
CA ILE B 408 -3.49 -3.78 -16.92
C ILE B 408 -2.19 -4.26 -16.26
N GLU B 409 -1.87 -5.55 -16.41
CA GLU B 409 -0.57 -6.04 -15.93
C GLU B 409 0.56 -5.31 -16.62
N ARG B 410 0.49 -5.22 -17.95
CA ARG B 410 1.54 -4.55 -18.71
C ARG B 410 1.76 -3.13 -18.22
N ALA B 411 0.67 -2.41 -17.89
CA ALA B 411 0.80 -1.07 -17.33
C ALA B 411 1.46 -1.12 -15.96
N ILE B 412 1.00 -2.04 -15.10
CA ILE B 412 1.55 -2.13 -13.75
C ILE B 412 3.03 -2.46 -13.79
N LYS B 413 3.41 -3.41 -14.66
CA LYS B 413 4.81 -3.76 -14.82
C LYS B 413 5.64 -2.60 -15.38
N ASP B 414 5.01 -1.74 -16.16
CA ASP B 414 5.70 -0.60 -16.73
C ASP B 414 5.62 0.64 -15.85
N GLY B 415 5.15 0.50 -14.61
CA GLY B 415 5.18 1.58 -13.65
C GLY B 415 3.85 2.26 -13.37
N ALA B 416 2.77 1.82 -13.99
CA ALA B 416 1.47 2.44 -13.77
C ALA B 416 0.90 2.00 -12.42
N GLY B 417 0.41 2.96 -11.65
CA GLY B 417 -0.14 2.67 -10.33
C GLY B 417 -1.60 2.29 -10.37
N VAL B 418 -1.90 1.14 -10.98
CA VAL B 418 -3.27 0.64 -11.09
C VAL B 418 -3.54 -0.28 -9.90
N GLU B 419 -4.54 0.07 -9.10
CA GLU B 419 -4.81 -0.65 -7.86
C GLU B 419 -5.95 -1.64 -7.96
N GLY B 420 -6.79 -1.56 -8.99
CA GLY B 420 -7.89 -2.49 -9.09
C GLY B 420 -8.61 -2.39 -10.41
N TYR B 421 -9.49 -3.38 -10.63
CA TYR B 421 -10.27 -3.51 -11.85
C TYR B 421 -11.73 -3.68 -11.47
N LEU B 422 -12.60 -2.83 -12.03
CA LEU B 422 -14.03 -2.90 -11.78
C LEU B 422 -14.73 -3.14 -13.11
N HIS B 423 -15.23 -4.37 -13.31
CA HIS B 423 -15.96 -4.69 -14.52
C HIS B 423 -17.28 -3.93 -14.55
N TRP B 424 -17.64 -3.40 -15.71
CA TRP B 424 -18.94 -2.76 -15.82
C TRP B 424 -20.02 -3.84 -15.87
N SER B 425 -20.96 -3.75 -14.94
CA SER B 425 -22.15 -4.59 -14.84
C SER B 425 -21.83 -5.95 -14.24
N LEU B 426 -21.99 -6.05 -12.92
CA LEU B 426 -22.17 -7.36 -12.30
C LEU B 426 -23.36 -8.09 -12.91
N THR B 427 -24.48 -7.39 -13.01
CA THR B 427 -25.69 -7.89 -13.66
C THR B 427 -26.07 -6.96 -14.81
N ASP B 428 -26.84 -7.50 -15.74
CA ASP B 428 -27.43 -6.66 -16.78
C ASP B 428 -28.27 -5.56 -16.15
N ASN B 429 -28.28 -4.39 -16.78
CA ASN B 429 -28.99 -3.24 -16.23
C ASN B 429 -29.54 -2.39 -17.37
N PHE B 430 -30.22 -1.31 -16.99
CA PHE B 430 -30.89 -0.42 -17.94
C PHE B 430 -29.84 0.47 -18.61
N GLU B 431 -29.61 0.24 -19.90
CA GLU B 431 -28.53 0.91 -20.63
C GLU B 431 -29.03 2.20 -21.30
N TRP B 432 -29.44 3.14 -20.44
CA TRP B 432 -29.75 4.53 -20.83
C TRP B 432 -30.76 4.51 -21.99
N SER B 433 -30.52 5.24 -23.08
CA SER B 433 -31.49 5.32 -24.17
C SER B 433 -31.62 4.01 -24.94
N SER B 434 -30.71 3.06 -24.75
CA SER B 434 -30.80 1.78 -25.42
C SER B 434 -31.67 0.77 -24.68
N GLY B 435 -31.99 1.02 -23.41
CA GLY B 435 -32.87 0.13 -22.68
C GLY B 435 -32.18 -1.14 -22.23
N PHE B 436 -32.98 -2.20 -22.08
CA PHE B 436 -32.51 -3.46 -21.52
C PHE B 436 -31.84 -4.37 -22.54
N SER B 437 -31.95 -4.07 -23.83
CA SER B 437 -31.40 -4.97 -24.85
C SER B 437 -29.88 -5.03 -24.85
N LYS B 438 -29.21 -4.14 -24.11
CA LYS B 438 -27.76 -4.15 -24.02
C LYS B 438 -27.37 -4.84 -22.71
N LYS B 439 -26.79 -6.03 -22.83
CA LYS B 439 -26.46 -6.88 -21.68
C LYS B 439 -24.97 -6.79 -21.44
N PHE B 440 -24.58 -6.04 -20.41
CA PHE B 440 -23.19 -5.86 -20.03
C PHE B 440 -22.76 -6.75 -18.89
N GLY B 441 -23.68 -7.52 -18.30
CA GLY B 441 -23.41 -8.15 -17.03
C GLY B 441 -22.62 -9.44 -17.14
N LEU B 442 -21.78 -9.67 -16.12
CA LEU B 442 -21.26 -11.01 -15.88
C LEU B 442 -22.37 -11.96 -15.48
N LEU B 443 -23.51 -11.44 -15.02
CA LEU B 443 -24.70 -12.20 -14.70
C LEU B 443 -25.84 -11.73 -15.59
N ARG B 444 -26.54 -12.68 -16.21
CA ARG B 444 -27.70 -12.34 -17.02
CA ARG B 444 -27.70 -12.34 -17.02
C ARG B 444 -28.94 -12.22 -16.13
N VAL B 445 -29.75 -11.20 -16.40
CA VAL B 445 -30.94 -10.92 -15.61
C VAL B 445 -32.18 -11.29 -16.43
N ASP B 446 -33.06 -12.09 -15.82
CA ASP B 446 -34.42 -12.29 -16.31
C ASP B 446 -35.29 -11.22 -15.66
N TYR B 447 -35.70 -10.22 -16.43
CA TYR B 447 -36.37 -9.06 -15.86
C TYR B 447 -37.80 -9.34 -15.44
N ARG B 448 -38.40 -10.46 -15.83
CA ARG B 448 -39.73 -10.78 -15.35
C ARG B 448 -39.69 -11.46 -13.98
N THR B 449 -38.65 -12.24 -13.71
CA THR B 449 -38.48 -12.92 -12.42
C THR B 449 -37.44 -12.23 -11.54
N LYS B 450 -36.62 -11.34 -12.09
CA LYS B 450 -35.48 -10.71 -11.44
C LYS B 450 -34.37 -11.71 -11.13
N LYS B 451 -34.46 -12.94 -11.63
CA LYS B 451 -33.46 -13.95 -11.35
C LYS B 451 -32.16 -13.67 -12.11
N ARG B 452 -31.04 -13.91 -11.44
CA ARG B 452 -29.72 -13.77 -12.04
C ARG B 452 -29.19 -15.13 -12.47
N SER B 453 -28.55 -15.17 -13.63
CA SER B 453 -27.95 -16.38 -14.16
C SER B 453 -26.47 -16.13 -14.46
N ILE B 454 -25.67 -17.16 -14.28
CA ILE B 454 -24.22 -17.04 -14.43
C ILE B 454 -23.85 -17.08 -15.91
N ARG B 455 -23.09 -16.07 -16.36
CA ARG B 455 -22.43 -16.24 -17.64
C ARG B 455 -21.04 -16.83 -17.43
N PRO B 456 -20.54 -17.64 -18.37
CA PRO B 456 -19.23 -18.26 -18.19
C PRO B 456 -18.10 -17.27 -17.92
N SER B 457 -18.19 -16.05 -18.44
CA SER B 457 -17.16 -15.05 -18.17
C SER B 457 -17.08 -14.70 -16.69
N ALA B 458 -18.15 -14.92 -15.92
CA ALA B 458 -18.07 -14.74 -14.48
C ALA B 458 -17.19 -15.79 -13.82
N LEU B 459 -17.20 -17.02 -14.36
CA LEU B 459 -16.31 -18.06 -13.84
C LEU B 459 -14.86 -17.76 -14.19
N VAL B 460 -14.61 -17.19 -15.37
CA VAL B 460 -13.27 -16.75 -15.73
C VAL B 460 -12.82 -15.63 -14.79
N PHE B 461 -13.74 -14.72 -14.46
CA PHE B 461 -13.43 -13.68 -13.49
C PHE B 461 -13.01 -14.26 -12.15
N ARG B 462 -13.73 -15.30 -11.69
CA ARG B 462 -13.39 -15.92 -10.42
C ARG B 462 -12.01 -16.55 -10.46
N GLU B 463 -11.65 -17.16 -11.60
CA GLU B 463 -10.32 -17.75 -11.73
C GLU B 463 -9.23 -16.68 -11.70
N ILE B 464 -9.46 -15.55 -12.36
CA ILE B 464 -8.50 -14.45 -12.35
C ILE B 464 -8.27 -13.95 -10.93
N SER B 465 -9.36 -13.68 -10.21
CA SER B 465 -9.24 -13.15 -8.85
C SER B 465 -8.66 -14.17 -7.89
N LYS B 466 -8.94 -15.46 -8.11
CA LYS B 466 -8.44 -16.49 -7.20
C LYS B 466 -6.91 -16.59 -7.25
N LYS B 467 -6.33 -16.38 -8.44
CA LYS B 467 -4.90 -16.55 -8.63
C LYS B 467 -4.15 -15.22 -8.70
N SER B 468 -4.80 -14.11 -8.33
CA SER B 468 -4.17 -12.79 -8.32
C SER B 468 -3.59 -12.44 -9.68
N GLY B 469 -4.40 -12.65 -10.72
CA GLY B 469 -3.96 -12.38 -12.08
C GLY B 469 -4.37 -13.45 -13.07
N VAL B 470 -4.03 -13.26 -14.34
CA VAL B 470 -4.42 -14.17 -15.40
C VAL B 470 -3.48 -15.37 -15.41
N PRO B 471 -3.98 -16.58 -15.15
CA PRO B 471 -3.12 -17.77 -15.26
C PRO B 471 -2.69 -17.97 -16.71
N GLU B 472 -1.55 -18.67 -16.87
CA GLU B 472 -1.02 -18.89 -18.22
C GLU B 472 -2.01 -19.64 -19.09
N GLU B 473 -2.76 -20.58 -18.51
CA GLU B 473 -3.72 -21.36 -19.29
C GLU B 473 -4.96 -20.56 -19.67
N LEU B 474 -5.10 -19.32 -19.20
CA LEU B 474 -6.21 -18.46 -19.60
C LEU B 474 -5.77 -17.32 -20.52
N GLU B 475 -4.48 -17.24 -20.85
CA GLU B 475 -3.98 -16.15 -21.68
C GLU B 475 -4.52 -16.23 -23.10
N TRP B 476 -4.74 -17.43 -23.62
CA TRP B 476 -5.10 -17.59 -25.03
C TRP B 476 -6.47 -17.01 -25.34
N LEU B 477 -7.36 -16.95 -24.34
CA LEU B 477 -8.71 -16.43 -24.59
C LEU B 477 -8.68 -14.99 -25.12
N GLY B 478 -7.73 -14.18 -24.66
CA GLY B 478 -7.66 -12.81 -25.09
C GLY B 478 -6.84 -12.54 -26.34
N GLU B 479 -6.11 -13.53 -26.84
CA GLU B 479 -5.17 -13.28 -27.93
C GLU B 479 -5.86 -12.99 -29.25
N ARG B 480 -7.11 -13.42 -29.43
CA ARG B 480 -7.85 -13.07 -30.64
C ARG B 480 -8.18 -11.58 -30.72
N PHE B 481 -8.03 -10.84 -29.63
CA PHE B 481 -8.46 -9.45 -29.57
C PHE B 481 -7.30 -8.46 -29.63
N TYR B 482 -6.07 -8.94 -29.67
CA TYR B 482 -4.92 -8.04 -29.81
C TYR B 482 -4.75 -7.62 -31.27
C1 GOL C . 21.55 -2.59 20.14
O1 GOL C . 20.68 -1.51 20.20
C2 GOL C . 21.56 -3.04 18.67
O2 GOL C . 21.73 -1.98 17.78
C3 GOL C . 22.70 -4.07 18.58
O3 GOL C . 22.54 -4.95 19.63
C TRS D . -21.60 3.48 -19.19
C TRS D . -21.70 3.53 -19.09
C1 TRS D . -21.32 2.15 -18.52
C1 TRS D . -21.34 2.14 -18.57
C2 TRS D . -22.09 4.48 -18.15
C2 TRS D . -22.07 4.45 -17.95
C3 TRS D . -22.67 3.27 -20.27
C3 TRS D . -22.86 3.40 -20.08
N TRS D . -20.38 3.98 -19.83
N TRS D . -20.53 4.08 -19.80
O1 TRS D . -20.96 1.20 -19.50
O1 TRS D . -21.19 1.25 -19.65
O2 TRS D . -22.96 3.85 -17.25
O2 TRS D . -20.91 4.78 -17.21
O3 TRS D . -22.75 4.42 -21.08
O3 TRS D . -22.73 4.37 -21.08
#